data_6CUO
#
_entry.id   6CUO
#
_cell.length_a   183.806
_cell.length_b   183.806
_cell.length_c   178.872
_cell.angle_alpha   90.00
_cell.angle_beta   90.00
_cell.angle_gamma   90.00
#
_symmetry.space_group_name_H-M   'I 4 2 2'
#
loop_
_entity.id
_entity.type
_entity.pdbx_description
1 polymer 'GTPase HRas'
2 polymer 'Son of sevenless homolog 1'
3 polymer 'GTPase HRas'
4 non-polymer 'PHOSPHOAMINOPHOSPHONIC ACID-GUANYLATE ESTER'
5 non-polymer 'MAGNESIUM ION'
6 non-polymer 'FORMIC ACID'
7 non-polymer N~2~-(3-chlorophenyl)-N~4~-[(furan-2-yl)methyl]quinazoline-2,4-diamine
8 non-polymer GLYCEROL
9 non-polymer 'SODIUM ION'
10 water water
#
loop_
_entity_poly.entity_id
_entity_poly.type
_entity_poly.pdbx_seq_one_letter_code
_entity_poly.pdbx_strand_id
1 'polypeptide(L)'
;GMTEYKLVVVGAGGVGKSALTIQLIQNHFVDEYDPTIEDSYRKQVVIDGET(CSO)LLDILDTAGQEEASAMRDQYMRTG
EGFLCVFAINNTKSFEDIHQYREQIKRVKDSDDVPMVLVGNKCDLAARTVESRQAQDLARSYGIPYIETSAKTRQGVEDA
FYTLVREIRQH
;
A
2 'polypeptide(L)'
;GQMRLPSADVYRFAEPDSEENIIFEENMQPKAGIPIIKAGTVIKLIERLTYHMYADPNFVRTFLTTYRSFCKPQELLSLI
IERFEIPEPEPTEADRIAIENGDQPLSAELKRFRKEYIQPVQLRVLNVCRHWVEHHFYDFERDAYLLQRMEEFIGTVRGK
AMKKWVESITKIIQRKKIARDNGPGHNITFQSSPPTVEWHISRPGHIETFDLLTLHPIEIARQLTLLESDLYRAVQPSEL
VGSVWTKEDKEINSPNLLKMIRHTTNLTLWFEKCIVETENLEERVAVVSRIIEILQVFQELNNFNGVLEVVSAMNSSPVY
RLDHTFEQIPSRQKKILEEAHELSEDHYKKYLAKLRSINPPCVPFFGIYLTNILKTEEGNPEVLKRHGKELINFSKRRKV
AEITGEIQQYQNQPYCLRVESDIKRFFENLNPMGNSMEKEFTDYLFNKSLEIEPRNPKPLPRFPKKYSYPLKSPGVRPSN
PR
;
B
3 'polypeptide(L)'
;GMTEYKLVVVGAGGVGKSALTIQLIQNHFVDEYDPTIEDSYRKQVVIDGETCLLDILDTAGQEEYSAMRDQYMRTGEGFL
CVFAINNTKSFEDIHQYREQIKRVKDSDDVPMVLVGNKCDLAARTVESRQAQDLARSYGIPYIETSAKTRQGVEDAFYTL
VREIRQH
;
C
#
loop_
_chem_comp.id
_chem_comp.type
_chem_comp.name
_chem_comp.formula
FFS non-polymer N~2~-(3-chlorophenyl)-N~4~-[(furan-2-yl)methyl]quinazoline-2,4-diamine 'C19 H15 Cl N4 O'
FMT non-polymer 'FORMIC ACID' 'C H2 O2'
GNP non-polymer 'PHOSPHOAMINOPHOSPHONIC ACID-GUANYLATE ESTER' 'C10 H17 N6 O13 P3'
GOL non-polymer GLYCEROL 'C3 H8 O3'
MG non-polymer 'MAGNESIUM ION' 'Mg 2'
NA non-polymer 'SODIUM ION' 'Na 1'
#
# COMPACT_ATOMS: atom_id res chain seq x y z
N MET A 2 -10.96 -3.10 -14.32
CA MET A 2 -9.52 -3.06 -14.57
C MET A 2 -8.99 -4.44 -15.01
N THR A 3 -8.60 -4.54 -16.28
CA THR A 3 -8.00 -5.77 -16.78
C THR A 3 -6.54 -5.82 -16.36
N GLU A 4 -6.05 -7.02 -16.06
CA GLU A 4 -4.68 -7.23 -15.68
C GLU A 4 -3.93 -7.85 -16.85
N TYR A 5 -2.71 -7.36 -17.12
CA TYR A 5 -1.89 -7.85 -18.22
C TYR A 5 -0.54 -8.31 -17.68
N LYS A 6 -0.11 -9.50 -18.08
CA LYS A 6 1.17 -10.06 -17.64
C LYS A 6 2.21 -9.88 -18.74
N LEU A 7 3.10 -8.91 -18.56
CA LEU A 7 4.15 -8.63 -19.53
C LEU A 7 5.46 -9.19 -19.03
N VAL A 8 6.28 -9.68 -19.96
CA VAL A 8 7.58 -10.23 -19.61
C VAL A 8 8.64 -9.56 -20.50
N VAL A 9 9.74 -9.13 -19.89
CA VAL A 9 10.82 -8.45 -20.62
C VAL A 9 11.99 -9.42 -20.70
N VAL A 10 12.40 -9.77 -21.94
CA VAL A 10 13.46 -10.76 -22.16
C VAL A 10 14.52 -10.21 -23.12
N GLY A 11 15.69 -10.84 -23.10
CA GLY A 11 16.79 -10.40 -23.95
C GLY A 11 18.12 -10.65 -23.27
N ALA A 12 19.19 -10.48 -24.05
CA ALA A 12 20.53 -10.77 -23.57
C ALA A 12 20.93 -9.89 -22.38
N GLY A 13 21.92 -10.38 -21.63
CA GLY A 13 22.41 -9.61 -20.50
C GLY A 13 22.94 -8.23 -20.89
N GLY A 14 22.54 -7.22 -20.13
CA GLY A 14 23.09 -5.88 -20.29
C GLY A 14 22.43 -5.02 -21.35
N VAL A 15 21.36 -5.50 -22.00
CA VAL A 15 20.76 -4.69 -23.05
C VAL A 15 19.87 -3.57 -22.51
N GLY A 16 19.52 -3.61 -21.23
CA GLY A 16 18.72 -2.57 -20.60
C GLY A 16 17.30 -2.96 -20.23
N LYS A 17 17.03 -4.25 -20.03
CA LYS A 17 15.68 -4.66 -19.64
C LYS A 17 15.26 -4.02 -18.33
N SER A 18 16.15 -4.04 -17.35
CA SER A 18 15.82 -3.46 -16.05
C SER A 18 15.72 -1.95 -16.12
N ALA A 19 16.67 -1.30 -16.81
CA ALA A 19 16.59 0.15 -16.95
C ALA A 19 15.30 0.58 -17.64
N LEU A 20 14.89 -0.15 -18.69
CA LEU A 20 13.62 0.16 -19.35
C LEU A 20 12.46 0.05 -18.38
N THR A 21 12.43 -1.04 -17.61
CA THR A 21 11.30 -1.28 -16.69
C THR A 21 11.26 -0.23 -15.58
N ILE A 22 12.42 0.06 -14.97
CA ILE A 22 12.44 1.07 -13.90
C ILE A 22 12.13 2.46 -14.43
N GLN A 23 12.55 2.79 -15.65
CA GLN A 23 12.14 4.06 -16.26
C GLN A 23 10.62 4.13 -16.40
N LEU A 24 9.98 3.06 -16.88
CA LEU A 24 8.53 3.04 -16.98
C LEU A 24 7.87 3.19 -15.60
N ILE A 25 8.39 2.47 -14.60
CA ILE A 25 7.72 2.38 -13.30
C ILE A 25 7.97 3.64 -12.47
N GLN A 26 9.22 4.12 -12.45
CA GLN A 26 9.62 5.19 -11.54
C GLN A 26 10.07 6.48 -12.20
N ASN A 27 10.15 6.54 -13.53
CA ASN A 27 10.66 7.72 -14.24
C ASN A 27 12.11 8.03 -13.84
N HIS A 28 12.89 6.99 -13.56
CA HIS A 28 14.26 7.11 -13.08
C HIS A 28 15.15 6.22 -13.96
N PHE A 29 16.32 6.73 -14.35
CA PHE A 29 17.28 5.95 -15.13
C PHE A 29 18.35 5.36 -14.21
N VAL A 30 18.52 4.04 -14.26
CA VAL A 30 19.48 3.33 -13.43
C VAL A 30 20.82 3.27 -14.18
N ASP A 31 21.85 3.87 -13.59
CA ASP A 31 23.18 3.84 -14.20
C ASP A 31 23.92 2.54 -13.91
N GLU A 32 23.64 1.91 -12.77
CA GLU A 32 24.33 0.69 -12.39
C GLU A 32 23.89 -0.47 -13.27
N TYR A 33 24.77 -1.46 -13.37
CA TYR A 33 24.52 -2.72 -14.09
C TYR A 33 24.55 -3.81 -13.02
N ASP A 34 23.39 -4.05 -12.39
CA ASP A 34 23.19 -5.09 -11.40
C ASP A 34 22.44 -6.23 -12.07
N PRO A 35 23.10 -7.33 -12.44
CA PRO A 35 22.39 -8.38 -13.20
C PRO A 35 21.21 -8.94 -12.43
N THR A 36 20.08 -9.04 -13.14
CA THR A 36 18.82 -9.47 -12.56
C THR A 36 18.75 -10.99 -12.45
N ILE A 37 18.08 -11.46 -11.40
CA ILE A 37 17.71 -12.88 -11.31
C ILE A 37 16.26 -13.01 -11.75
N GLU A 38 15.35 -12.41 -10.99
CA GLU A 38 13.99 -12.16 -11.48
C GLU A 38 13.30 -11.14 -10.60
N ASP A 39 12.78 -10.07 -11.19
CA ASP A 39 12.10 -9.00 -10.47
C ASP A 39 10.71 -8.83 -11.04
N SER A 40 9.81 -8.28 -10.22
N SER A 40 9.78 -8.30 -10.24
CA SER A 40 8.43 -8.05 -10.59
CA SER A 40 8.45 -8.05 -10.76
C SER A 40 8.06 -6.61 -10.28
C SER A 40 7.93 -6.72 -10.24
N TYR A 41 7.19 -6.04 -11.11
CA TYR A 41 6.67 -4.70 -10.89
C TYR A 41 5.19 -4.64 -11.25
N ARG A 42 4.47 -3.68 -10.67
CA ARG A 42 3.08 -3.45 -11.03
C ARG A 42 2.87 -1.97 -11.35
N LYS A 43 1.97 -1.71 -12.31
CA LYS A 43 1.69 -0.34 -12.72
C LYS A 43 0.23 -0.21 -13.16
N GLN A 44 -0.53 0.63 -12.48
CA GLN A 44 -1.85 1.00 -12.95
C GLN A 44 -1.72 2.16 -13.92
N VAL A 45 -2.35 2.05 -15.09
CA VAL A 45 -2.19 3.07 -16.13
C VAL A 45 -3.39 3.01 -17.07
N VAL A 46 -3.80 4.18 -17.56
CA VAL A 46 -4.89 4.27 -18.52
C VAL A 46 -4.29 4.23 -19.93
N ILE A 47 -4.71 3.25 -20.74
CA ILE A 47 -4.22 3.06 -22.11
C ILE A 47 -5.43 3.03 -23.03
N ASP A 48 -5.46 3.93 -24.01
CA ASP A 48 -6.59 4.05 -24.94
C ASP A 48 -7.92 4.16 -24.17
N GLY A 49 -7.91 4.95 -23.10
CA GLY A 49 -9.09 5.23 -22.32
C GLY A 49 -9.54 4.14 -21.37
N GLU A 50 -8.80 3.03 -21.27
CA GLU A 50 -9.18 1.92 -20.41
C GLU A 50 -8.11 1.73 -19.33
N THR A 51 -8.54 1.68 -18.08
CA THR A 51 -7.59 1.50 -16.99
C THR A 51 -7.16 0.06 -16.94
N CSO A 52 -5.85 -0.17 -16.83
CA CSO A 52 -5.44 -1.52 -16.48
CB CSO A 52 -5.13 -2.32 -17.72
SG CSO A 52 -3.93 -1.43 -18.65
C CSO A 52 -4.26 -1.59 -15.57
O CSO A 52 -3.64 -0.58 -15.22
OD CSO A 52 -4.94 -0.96 -20.02
N LEU A 53 -3.96 -2.83 -15.22
CA LEU A 53 -2.94 -3.13 -14.24
C LEU A 53 -1.92 -3.97 -14.95
N LEU A 54 -0.71 -3.44 -15.08
CA LEU A 54 0.36 -4.17 -15.74
C LEU A 54 1.19 -4.90 -14.68
N ASP A 55 1.36 -6.20 -14.85
CA ASP A 55 2.34 -6.97 -14.07
C ASP A 55 3.53 -7.17 -14.99
N ILE A 56 4.70 -6.68 -14.60
CA ILE A 56 5.86 -6.71 -15.48
C ILE A 56 6.90 -7.59 -14.83
N LEU A 57 7.27 -8.67 -15.51
CA LEU A 57 8.31 -9.57 -15.04
C LEU A 57 9.61 -9.19 -15.75
N ASP A 58 10.63 -8.90 -14.96
CA ASP A 58 11.94 -8.49 -15.46
C ASP A 58 12.90 -9.66 -15.27
N THR A 59 13.41 -10.21 -16.37
CA THR A 59 14.07 -11.51 -16.33
C THR A 59 15.58 -11.38 -16.46
N ALA A 60 16.25 -12.52 -16.27
CA ALA A 60 17.71 -12.60 -16.29
C ALA A 60 18.22 -12.81 -17.71
N GLY A 61 19.16 -11.96 -18.14
CA GLY A 61 19.77 -12.14 -19.44
C GLY A 61 21.08 -12.89 -19.38
N GLN A 62 21.71 -12.99 -18.21
CA GLN A 62 22.99 -13.70 -18.14
C GLN A 62 22.80 -15.17 -18.51
N GLU A 63 23.77 -15.72 -19.25
CA GLU A 63 23.63 -17.08 -19.76
C GLU A 63 23.55 -18.11 -18.63
N GLU A 64 24.14 -17.80 -17.48
CA GLU A 64 24.10 -18.73 -16.35
C GLU A 64 22.68 -19.02 -15.88
N ALA A 65 21.70 -18.20 -16.26
CA ALA A 65 20.31 -18.44 -15.89
C ALA A 65 19.48 -19.03 -17.04
N SER A 66 20.13 -19.48 -18.12
CA SER A 66 19.39 -19.81 -19.34
C SER A 66 18.51 -21.05 -19.21
N ALA A 67 18.71 -21.87 -18.19
CA ALA A 67 17.91 -23.08 -18.02
C ALA A 67 16.65 -22.85 -17.19
N MET A 68 16.36 -21.61 -16.80
CA MET A 68 15.27 -21.32 -15.87
C MET A 68 14.17 -20.48 -16.52
N ARG A 69 14.02 -20.52 -17.84
CA ARG A 69 13.14 -19.61 -18.55
C ARG A 69 11.74 -20.16 -18.79
N ASP A 70 11.58 -21.48 -18.96
CA ASP A 70 10.26 -22.04 -19.25
C ASP A 70 9.23 -21.56 -18.24
N GLN A 71 9.60 -21.49 -16.96
CA GLN A 71 8.64 -21.18 -15.91
C GLN A 71 8.04 -19.78 -16.08
N TYR A 72 8.84 -18.79 -16.49
CA TYR A 72 8.24 -17.47 -16.67
C TYR A 72 7.58 -17.32 -18.04
N MET A 73 8.01 -18.07 -19.04
CA MET A 73 7.37 -17.97 -20.34
C MET A 73 5.98 -18.57 -20.31
N ARG A 74 5.74 -19.56 -19.44
CA ARG A 74 4.41 -20.14 -19.33
C ARG A 74 3.40 -19.12 -18.84
N THR A 75 3.79 -18.27 -17.90
CA THR A 75 2.85 -17.35 -17.27
C THR A 75 2.64 -16.07 -18.06
N GLY A 76 3.59 -15.67 -18.90
CA GLY A 76 3.48 -14.38 -19.55
C GLY A 76 2.46 -14.37 -20.67
N GLU A 77 1.76 -13.25 -20.78
N GLU A 77 1.78 -13.23 -20.81
CA GLU A 77 0.83 -13.05 -21.89
CA GLU A 77 0.81 -13.03 -21.88
C GLU A 77 1.49 -12.40 -23.10
C GLU A 77 1.36 -12.25 -23.07
N GLY A 78 2.44 -11.51 -22.88
CA GLY A 78 3.10 -10.82 -23.97
C GLY A 78 4.55 -10.56 -23.61
N PHE A 79 5.39 -10.45 -24.63
CA PHE A 79 6.83 -10.38 -24.40
C PHE A 79 7.48 -9.20 -25.10
N LEU A 80 8.22 -8.38 -24.35
N LEU A 80 8.29 -8.45 -24.37
CA LEU A 80 9.13 -7.43 -24.96
CA LEU A 80 9.14 -7.41 -24.93
C LEU A 80 10.45 -8.14 -25.22
C LEU A 80 10.50 -8.02 -25.21
N CYS A 81 10.84 -8.22 -26.48
CA CYS A 81 12.10 -8.87 -26.86
C CYS A 81 13.13 -7.78 -27.12
N VAL A 82 14.07 -7.61 -26.18
CA VAL A 82 14.94 -6.44 -26.16
C VAL A 82 16.35 -6.83 -26.61
N PHE A 83 16.91 -6.04 -27.52
CA PHE A 83 18.34 -6.07 -27.78
C PHE A 83 18.85 -4.63 -27.68
N ALA A 84 20.17 -4.46 -27.74
CA ALA A 84 20.78 -3.13 -27.72
C ALA A 84 21.36 -2.81 -29.09
N ILE A 85 21.07 -1.60 -29.59
CA ILE A 85 21.45 -1.28 -30.96
C ILE A 85 22.95 -1.10 -31.14
N ASN A 86 23.74 -1.12 -30.06
CA ASN A 86 25.20 -1.10 -30.16
C ASN A 86 25.82 -2.45 -29.81
N ASN A 87 25.05 -3.53 -29.84
N ASN A 87 25.06 -3.53 -29.91
CA ASN A 87 25.57 -4.85 -29.51
CA ASN A 87 25.49 -4.86 -29.51
C ASN A 87 24.97 -5.87 -30.47
C ASN A 87 24.90 -5.86 -30.50
N THR A 88 25.75 -6.24 -31.50
N THR A 88 25.68 -6.23 -31.52
CA THR A 88 25.25 -7.13 -32.54
CA THR A 88 25.16 -7.13 -32.55
C THR A 88 24.88 -8.49 -31.99
C THR A 88 24.86 -8.52 -31.99
N LYS A 89 25.66 -9.00 -31.03
CA LYS A 89 25.39 -10.32 -30.48
C LYS A 89 24.02 -10.36 -29.80
N SER A 90 23.64 -9.27 -29.11
CA SER A 90 22.33 -9.25 -28.49
C SER A 90 21.22 -9.30 -29.52
N PHE A 91 21.44 -8.72 -30.70
CA PHE A 91 20.45 -8.84 -31.77
C PHE A 91 20.37 -10.27 -32.29
N GLU A 92 21.52 -10.93 -32.43
CA GLU A 92 21.51 -12.32 -32.89
C GLU A 92 20.87 -13.24 -31.86
N ASP A 93 20.89 -12.86 -30.58
CA ASP A 93 20.24 -13.65 -29.54
C ASP A 93 18.72 -13.57 -29.57
N ILE A 94 18.14 -12.59 -30.29
CA ILE A 94 16.69 -12.41 -30.28
C ILE A 94 15.98 -13.67 -30.75
N HIS A 95 16.47 -14.28 -31.82
CA HIS A 95 15.71 -15.38 -32.40
C HIS A 95 15.63 -16.56 -31.45
N GLN A 96 16.65 -16.77 -30.62
N GLN A 96 16.64 -16.75 -30.60
CA GLN A 96 16.58 -17.81 -29.60
CA GLN A 96 16.59 -17.82 -29.61
C GLN A 96 15.41 -17.57 -28.67
C GLN A 96 15.47 -17.59 -28.60
N TYR A 97 15.27 -16.34 -28.16
CA TYR A 97 14.14 -16.03 -27.28
C TYR A 97 12.82 -16.21 -28.01
N ARG A 98 12.73 -15.74 -29.24
CA ARG A 98 11.51 -15.89 -30.03
C ARG A 98 11.12 -17.36 -30.16
N GLU A 99 12.08 -18.22 -30.48
CA GLU A 99 11.75 -19.62 -30.71
C GLU A 99 11.39 -20.33 -29.40
N GLN A 100 12.07 -19.98 -28.30
CA GLN A 100 11.75 -20.62 -27.03
C GLN A 100 10.35 -20.22 -26.57
N ILE A 101 9.97 -18.94 -26.72
CA ILE A 101 8.63 -18.53 -26.33
C ILE A 101 7.58 -19.29 -27.11
N LYS A 102 7.76 -19.38 -28.44
CA LYS A 102 6.82 -20.13 -29.28
C LYS A 102 6.72 -21.59 -28.85
N ARG A 103 7.87 -22.21 -28.51
N ARG A 103 7.86 -22.18 -28.47
CA ARG A 103 7.81 -23.61 -28.09
CA ARG A 103 7.89 -23.59 -28.08
C ARG A 103 7.05 -23.75 -26.77
C ARG A 103 7.14 -23.81 -26.76
N VAL A 104 7.42 -22.97 -25.76
CA VAL A 104 6.82 -23.12 -24.44
C VAL A 104 5.31 -22.89 -24.50
N LYS A 105 4.90 -21.83 -25.19
CA LYS A 105 3.49 -21.51 -25.26
C LYS A 105 2.78 -22.27 -26.36
N ASP A 106 3.49 -23.11 -27.11
CA ASP A 106 2.93 -23.95 -28.17
C ASP A 106 2.05 -23.11 -29.10
N SER A 107 2.61 -22.00 -29.57
CA SER A 107 1.82 -21.05 -30.33
C SER A 107 2.71 -20.26 -31.27
N ASP A 108 2.20 -20.03 -32.48
CA ASP A 108 2.81 -19.17 -33.48
C ASP A 108 2.35 -17.73 -33.35
N ASP A 109 1.48 -17.43 -32.40
CA ASP A 109 0.72 -16.18 -32.35
C ASP A 109 0.77 -15.56 -30.96
N VAL A 110 1.98 -15.42 -30.42
CA VAL A 110 2.17 -14.85 -29.08
C VAL A 110 2.38 -13.34 -29.20
N PRO A 111 1.68 -12.52 -28.42
CA PRO A 111 1.94 -11.06 -28.45
C PRO A 111 3.39 -10.75 -28.12
N MET A 112 4.04 -10.01 -29.01
N MET A 112 4.04 -10.02 -29.01
CA MET A 112 5.44 -9.64 -28.84
CA MET A 112 5.44 -9.65 -28.81
C MET A 112 5.69 -8.27 -29.45
C MET A 112 5.69 -8.29 -29.45
N VAL A 113 6.71 -7.59 -28.94
CA VAL A 113 7.23 -6.37 -29.54
C VAL A 113 8.76 -6.49 -29.56
N LEU A 114 9.38 -6.16 -30.71
CA LEU A 114 10.83 -6.11 -30.82
C LEU A 114 11.32 -4.73 -30.39
N VAL A 115 12.26 -4.68 -29.45
CA VAL A 115 12.73 -3.42 -28.88
C VAL A 115 14.23 -3.28 -29.10
N GLY A 116 14.63 -2.21 -29.77
CA GLY A 116 16.03 -1.88 -29.92
C GLY A 116 16.41 -0.75 -28.98
N ASN A 117 17.07 -1.08 -27.88
CA ASN A 117 17.31 -0.15 -26.79
C ASN A 117 18.67 0.52 -26.93
N LYS A 118 18.88 1.55 -26.10
CA LYS A 118 20.08 2.39 -26.07
C LYS A 118 20.18 3.29 -27.30
N CYS A 119 19.03 3.74 -27.82
CA CYS A 119 19.04 4.54 -29.04
C CYS A 119 19.56 5.96 -28.80
N ASP A 120 19.86 6.32 -27.56
CA ASP A 120 20.52 7.59 -27.28
C ASP A 120 21.99 7.57 -27.66
N LEU A 121 22.57 6.40 -27.88
CA LEU A 121 23.99 6.28 -28.18
C LEU A 121 24.23 6.43 -29.68
N ALA A 122 25.22 7.25 -30.03
CA ALA A 122 25.51 7.49 -31.45
C ALA A 122 26.08 6.24 -32.13
N ALA A 123 26.90 5.48 -31.42
CA ALA A 123 27.70 4.40 -32.02
C ALA A 123 26.85 3.14 -32.21
N ARG A 124 25.94 3.21 -33.17
CA ARG A 124 25.07 2.08 -33.48
C ARG A 124 25.82 1.03 -34.30
N THR A 125 25.54 -0.25 -34.02
CA THR A 125 26.06 -1.35 -34.83
C THR A 125 24.98 -2.22 -35.46
N VAL A 126 23.73 -2.09 -35.04
CA VAL A 126 22.59 -2.78 -35.66
C VAL A 126 21.74 -1.73 -36.34
N GLU A 127 21.57 -1.84 -37.66
CA GLU A 127 20.79 -0.84 -38.37
C GLU A 127 19.30 -1.09 -38.20
N SER A 128 18.54 0.02 -38.18
CA SER A 128 17.09 -0.09 -38.01
C SER A 128 16.47 -1.02 -39.04
N ARG A 129 16.94 -0.96 -40.29
CA ARG A 129 16.36 -1.76 -41.35
C ARG A 129 16.49 -3.26 -41.07
N GLN A 130 17.67 -3.70 -40.58
CA GLN A 130 17.83 -5.11 -40.27
C GLN A 130 16.87 -5.55 -39.18
N ALA A 131 16.68 -4.72 -38.15
CA ALA A 131 15.75 -5.08 -37.09
C ALA A 131 14.31 -5.05 -37.59
N GLN A 132 13.99 -4.06 -38.43
CA GLN A 132 12.62 -3.99 -38.97
C GLN A 132 12.31 -5.20 -39.84
N ASP A 133 13.29 -5.64 -40.64
CA ASP A 133 13.10 -6.84 -41.45
C ASP A 133 12.77 -8.04 -40.58
N LEU A 134 13.50 -8.21 -39.47
CA LEU A 134 13.22 -9.32 -38.56
C LEU A 134 11.84 -9.22 -37.95
N ALA A 135 11.48 -8.02 -37.47
CA ALA A 135 10.14 -7.81 -36.91
C ALA A 135 9.05 -8.20 -37.91
N ARG A 136 9.19 -7.76 -39.17
CA ARG A 136 8.17 -8.10 -40.17
C ARG A 136 8.06 -9.62 -40.35
N SER A 137 9.21 -10.32 -40.33
CA SER A 137 9.17 -11.78 -40.44
C SER A 137 8.44 -12.43 -39.26
N TYR A 138 8.41 -11.76 -38.11
CA TYR A 138 7.68 -12.23 -36.94
C TYR A 138 6.25 -11.72 -36.91
N GLY A 139 5.90 -10.74 -37.75
CA GLY A 139 4.58 -10.15 -37.68
C GLY A 139 4.37 -9.20 -36.51
N ILE A 140 5.43 -8.55 -36.02
CA ILE A 140 5.34 -7.72 -34.82
C ILE A 140 5.97 -6.37 -35.08
N PRO A 141 5.62 -5.35 -34.29
CA PRO A 141 6.23 -4.03 -34.47
C PRO A 141 7.63 -3.98 -33.88
N TYR A 142 8.39 -2.99 -34.35
CA TYR A 142 9.74 -2.71 -33.89
C TYR A 142 9.77 -1.29 -33.36
N ILE A 143 10.26 -1.12 -32.13
CA ILE A 143 10.27 0.19 -31.49
C ILE A 143 11.65 0.40 -30.89
N GLU A 144 12.29 1.52 -31.24
CA GLU A 144 13.58 1.86 -30.65
C GLU A 144 13.36 2.71 -29.42
N THR A 145 14.15 2.43 -28.38
CA THR A 145 13.93 3.02 -27.06
C THR A 145 15.24 3.51 -26.48
N SER A 146 15.11 4.43 -25.51
CA SER A 146 16.20 4.78 -24.61
C SER A 146 15.66 4.79 -23.19
N ALA A 147 16.16 3.86 -22.35
CA ALA A 147 15.85 3.93 -20.93
C ALA A 147 16.42 5.19 -20.30
N LYS A 148 17.44 5.79 -20.91
CA LYS A 148 18.07 6.98 -20.34
C LYS A 148 17.25 8.23 -20.59
N THR A 149 16.76 8.44 -21.81
CA THR A 149 16.02 9.66 -22.15
C THR A 149 14.51 9.50 -22.09
N ARG A 150 13.99 8.27 -21.99
CA ARG A 150 12.58 7.87 -22.06
C ARG A 150 12.08 7.74 -23.49
N GLN A 151 12.89 8.05 -24.51
CA GLN A 151 12.40 7.92 -25.89
C GLN A 151 11.84 6.53 -26.13
N GLY A 152 10.60 6.47 -26.62
CA GLY A 152 10.00 5.21 -27.03
C GLY A 152 9.54 4.27 -25.93
N VAL A 153 9.78 4.60 -24.66
CA VAL A 153 9.58 3.61 -23.59
C VAL A 153 8.11 3.30 -23.40
N GLU A 154 7.28 4.34 -23.26
CA GLU A 154 5.85 4.10 -23.13
C GLU A 154 5.30 3.42 -24.38
N ASP A 155 5.77 3.84 -25.55
CA ASP A 155 5.31 3.25 -26.81
C ASP A 155 5.57 1.75 -26.83
N ALA A 156 6.75 1.32 -26.37
CA ALA A 156 7.08 -0.11 -26.41
C ALA A 156 6.16 -0.92 -25.51
N PHE A 157 6.03 -0.50 -24.23
CA PHE A 157 5.22 -1.26 -23.30
C PHE A 157 3.74 -1.20 -23.68
N TYR A 158 3.26 -0.02 -24.05
CA TYR A 158 1.83 0.10 -24.28
C TYR A 158 1.42 -0.50 -25.62
N THR A 159 2.33 -0.52 -26.60
CA THR A 159 2.05 -1.30 -27.82
C THR A 159 1.87 -2.77 -27.49
N LEU A 160 2.71 -3.31 -26.59
CA LEU A 160 2.54 -4.71 -26.20
C LEU A 160 1.19 -4.95 -25.54
N VAL A 161 0.74 -4.02 -24.67
CA VAL A 161 -0.58 -4.15 -24.07
C VAL A 161 -1.66 -4.24 -25.15
N ARG A 162 -1.58 -3.36 -26.15
CA ARG A 162 -2.58 -3.38 -27.22
C ARG A 162 -2.60 -4.72 -27.94
N GLU A 163 -1.45 -5.36 -28.10
N GLU A 163 -1.43 -5.32 -28.15
CA GLU A 163 -1.42 -6.64 -28.80
CA GLU A 163 -1.35 -6.63 -28.77
C GLU A 163 -1.98 -7.77 -27.94
C GLU A 163 -2.08 -7.67 -27.94
N ILE A 164 -1.82 -7.68 -26.63
CA ILE A 164 -2.49 -8.63 -25.75
C ILE A 164 -3.99 -8.39 -25.78
N ARG A 165 -4.40 -7.12 -25.75
CA ARG A 165 -5.82 -6.79 -25.76
C ARG A 165 -6.51 -7.32 -27.01
N GLN A 166 -5.83 -7.25 -28.16
CA GLN A 166 -6.45 -7.67 -29.42
C GLN A 166 -6.22 -9.15 -29.73
N HIS A 167 -5.54 -9.88 -28.85
CA HIS A 167 -5.19 -11.27 -29.09
C HIS A 167 -6.41 -12.20 -29.10
N GLY B 1 12.05 -39.82 -15.34
CA GLY B 1 11.66 -39.75 -13.95
C GLY B 1 11.99 -38.42 -13.32
N GLN B 2 11.38 -38.14 -12.17
CA GLN B 2 11.81 -36.99 -11.39
C GLN B 2 13.23 -37.20 -10.88
N MET B 3 13.91 -36.09 -10.64
CA MET B 3 15.23 -36.19 -10.04
C MET B 3 15.11 -36.76 -8.65
N ARG B 4 16.07 -37.61 -8.30
CA ARG B 4 16.19 -38.00 -6.91
C ARG B 4 16.75 -36.83 -6.11
N LEU B 5 16.48 -36.84 -4.81
CA LEU B 5 16.81 -35.76 -3.90
C LEU B 5 17.78 -36.25 -2.84
N PRO B 6 18.49 -35.35 -2.16
CA PRO B 6 19.28 -35.79 -1.01
C PRO B 6 18.38 -36.39 0.05
N SER B 7 18.96 -37.25 0.87
CA SER B 7 18.24 -37.79 2.01
C SER B 7 17.78 -36.66 2.93
N ALA B 8 16.53 -36.73 3.36
CA ALA B 8 15.99 -35.72 4.25
C ALA B 8 16.77 -35.64 5.55
N ASP B 9 17.56 -36.67 5.86
CA ASP B 9 18.38 -36.65 7.08
C ASP B 9 19.55 -35.67 6.96
N VAL B 10 20.16 -35.58 5.77
CA VAL B 10 21.28 -34.64 5.58
C VAL B 10 20.84 -33.30 5.02
N TYR B 11 19.63 -33.19 4.50
CA TYR B 11 19.16 -31.95 3.89
C TYR B 11 17.67 -31.82 4.16
N ARG B 12 17.30 -30.91 5.07
CA ARG B 12 15.94 -30.90 5.60
C ARG B 12 14.90 -30.51 4.56
N PHE B 13 15.29 -29.81 3.50
CA PHE B 13 14.32 -29.29 2.54
C PHE B 13 13.91 -30.33 1.49
N ALA B 14 14.27 -31.61 1.69
CA ALA B 14 13.86 -32.69 0.81
C ALA B 14 12.77 -33.56 1.40
N GLU B 15 12.25 -33.19 2.57
CA GLU B 15 11.14 -33.93 3.16
C GLU B 15 9.93 -33.85 2.24
N PRO B 16 9.19 -34.95 2.05
CA PRO B 16 8.02 -34.89 1.17
C PRO B 16 6.94 -33.96 1.71
N ASP B 17 6.24 -33.30 0.78
CA ASP B 17 5.04 -32.55 1.13
C ASP B 17 4.02 -33.47 1.78
N SER B 18 3.39 -32.98 2.85
CA SER B 18 2.26 -33.67 3.45
C SER B 18 1.37 -32.63 4.10
N GLU B 19 0.15 -33.02 4.44
CA GLU B 19 -0.72 -32.09 5.15
C GLU B 19 -0.23 -31.79 6.56
N GLU B 20 0.76 -32.53 7.06
CA GLU B 20 1.38 -32.19 8.33
C GLU B 20 2.43 -31.09 8.20
N ASN B 21 2.82 -30.70 6.98
CA ASN B 21 3.79 -29.61 6.85
C ASN B 21 3.45 -28.54 5.81
N ILE B 22 2.45 -28.75 4.94
CA ILE B 22 2.09 -27.70 3.98
C ILE B 22 0.65 -27.92 3.52
N ILE B 23 -0.09 -26.82 3.39
CA ILE B 23 -1.48 -26.86 2.92
C ILE B 23 -1.62 -25.83 1.81
N PHE B 24 -2.15 -26.26 0.67
CA PHE B 24 -2.34 -25.36 -0.47
C PHE B 24 -3.78 -24.88 -0.55
N GLU B 25 -3.96 -23.67 -1.10
CA GLU B 25 -5.30 -23.21 -1.42
C GLU B 25 -5.87 -24.01 -2.60
N GLU B 26 -7.20 -24.01 -2.69
CA GLU B 26 -7.86 -24.61 -3.85
C GLU B 26 -7.74 -23.68 -5.04
N GLY B 33 0.23 -21.31 -13.50
CA GLY B 33 -0.51 -22.21 -12.64
C GLY B 33 0.31 -22.75 -11.49
N ILE B 34 0.94 -21.85 -10.74
CA ILE B 34 1.76 -22.28 -9.60
C ILE B 34 0.87 -22.35 -8.37
N PRO B 35 1.17 -23.24 -7.44
CA PRO B 35 0.32 -23.39 -6.25
C PRO B 35 0.38 -22.17 -5.37
N ILE B 36 -0.70 -21.96 -4.62
CA ILE B 36 -0.82 -20.88 -3.64
C ILE B 36 -0.87 -21.53 -2.26
N ILE B 37 0.01 -21.09 -1.36
CA ILE B 37 0.20 -21.74 -0.07
C ILE B 37 -0.74 -21.10 0.94
N LYS B 38 -1.57 -21.94 1.59
CA LYS B 38 -2.40 -21.47 2.70
C LYS B 38 -1.62 -21.47 4.01
N ALA B 39 -0.88 -22.55 4.27
CA ALA B 39 -0.19 -22.69 5.55
C ALA B 39 0.98 -23.65 5.39
N GLY B 40 1.96 -23.54 6.28
CA GLY B 40 3.04 -24.52 6.26
C GLY B 40 4.03 -24.28 7.38
N THR B 41 4.92 -25.24 7.55
CA THR B 41 6.05 -25.01 8.45
C THR B 41 7.00 -23.99 7.83
N VAL B 42 7.84 -23.38 8.68
CA VAL B 42 8.81 -22.42 8.15
C VAL B 42 9.76 -23.10 7.16
N ILE B 43 10.13 -24.36 7.41
CA ILE B 43 10.98 -25.09 6.47
C ILE B 43 10.30 -25.20 5.10
N LYS B 44 9.00 -25.53 5.09
CA LYS B 44 8.30 -25.67 3.81
C LYS B 44 8.11 -24.32 3.14
N LEU B 45 7.86 -23.26 3.92
CA LEU B 45 7.75 -21.93 3.32
C LEU B 45 9.05 -21.53 2.63
N ILE B 46 10.19 -21.82 3.26
CA ILE B 46 11.46 -21.43 2.67
C ILE B 46 11.79 -22.29 1.44
N GLU B 47 11.43 -23.58 1.50
CA GLU B 47 11.58 -24.44 0.32
C GLU B 47 10.82 -23.86 -0.87
N ARG B 48 9.56 -23.48 -0.68
CA ARG B 48 8.77 -22.96 -1.78
C ARG B 48 9.17 -21.53 -2.16
N LEU B 49 9.77 -20.80 -1.21
CA LEU B 49 10.32 -19.48 -1.51
C LEU B 49 11.46 -19.55 -2.50
N THR B 50 12.12 -20.70 -2.58
CA THR B 50 13.33 -20.89 -3.36
C THR B 50 13.21 -22.17 -4.18
N TYR B 51 12.03 -22.39 -4.76
CA TYR B 51 11.68 -23.68 -5.33
C TYR B 51 12.41 -23.93 -6.65
N HIS B 52 12.77 -25.20 -6.89
CA HIS B 52 13.56 -25.46 -8.09
C HIS B 52 12.74 -25.42 -9.38
N MET B 53 11.41 -25.58 -9.29
CA MET B 53 10.61 -25.70 -10.51
C MET B 53 10.16 -24.36 -11.07
N TYR B 54 10.06 -23.32 -10.24
CA TYR B 54 9.54 -22.05 -10.73
C TYR B 54 9.98 -20.93 -9.80
N ALA B 55 10.00 -19.72 -10.35
CA ALA B 55 10.19 -18.51 -9.56
C ALA B 55 8.83 -17.97 -9.13
N ASP B 56 8.81 -17.24 -8.02
CA ASP B 56 7.56 -16.70 -7.47
C ASP B 56 7.89 -15.34 -6.88
N PRO B 57 8.12 -14.32 -7.72
CA PRO B 57 8.59 -13.03 -7.21
C PRO B 57 7.60 -12.37 -6.27
N ASN B 58 6.30 -12.59 -6.46
N ASN B 58 6.30 -12.53 -6.52
CA ASN B 58 5.33 -12.01 -5.53
CA ASN B 58 5.30 -12.07 -5.58
C ASN B 58 5.37 -12.74 -4.18
C ASN B 58 5.53 -12.69 -4.21
N PHE B 59 5.72 -14.02 -4.19
CA PHE B 59 5.94 -14.72 -2.92
C PHE B 59 7.17 -14.17 -2.20
N VAL B 60 8.24 -13.87 -2.95
CA VAL B 60 9.44 -13.30 -2.33
C VAL B 60 9.11 -11.99 -1.64
N ARG B 61 8.37 -11.11 -2.34
CA ARG B 61 8.00 -9.85 -1.71
C ARG B 61 7.10 -10.08 -0.50
N THR B 62 6.08 -10.94 -0.65
N THR B 62 6.10 -10.96 -0.62
CA THR B 62 5.17 -11.22 0.45
CA THR B 62 5.18 -11.15 0.49
C THR B 62 5.93 -11.74 1.66
C THR B 62 5.86 -11.82 1.68
N PHE B 63 6.79 -12.74 1.44
CA PHE B 63 7.55 -13.34 2.52
C PHE B 63 8.46 -12.32 3.20
N LEU B 64 9.25 -11.58 2.41
CA LEU B 64 10.21 -10.64 3.02
C LEU B 64 9.49 -9.48 3.70
N THR B 65 8.27 -9.17 3.28
CA THR B 65 7.52 -8.11 3.95
C THR B 65 6.98 -8.55 5.31
N THR B 66 6.59 -9.82 5.44
CA THR B 66 5.78 -10.26 6.58
C THR B 66 6.42 -11.29 7.48
N TYR B 67 7.62 -11.80 7.17
CA TYR B 67 8.09 -13.01 7.86
C TYR B 67 8.39 -12.78 9.34
N ARG B 68 8.60 -11.53 9.78
CA ARG B 68 9.08 -11.34 11.14
C ARG B 68 8.03 -11.70 12.17
N SER B 69 6.76 -11.86 11.76
CA SER B 69 5.71 -12.33 12.65
C SER B 69 5.81 -13.81 12.94
N PHE B 70 6.68 -14.56 12.23
CA PHE B 70 6.84 -15.98 12.51
C PHE B 70 8.28 -16.47 12.50
N CYS B 71 9.26 -15.63 12.19
CA CYS B 71 10.66 -16.05 12.11
C CYS B 71 11.54 -14.84 12.34
N LYS B 72 12.54 -14.97 13.22
CA LYS B 72 13.43 -13.85 13.46
C LYS B 72 14.40 -13.65 12.29
N PRO B 73 14.83 -12.40 12.03
CA PRO B 73 15.79 -12.19 10.94
C PRO B 73 17.03 -13.06 11.02
N GLN B 74 17.62 -13.23 12.21
CA GLN B 74 18.81 -14.07 12.33
C GLN B 74 18.50 -15.51 11.94
N GLU B 75 17.32 -15.99 12.30
CA GLU B 75 16.96 -17.38 11.99
C GLU B 75 16.65 -17.55 10.51
N LEU B 76 16.04 -16.54 9.89
CA LEU B 76 15.82 -16.61 8.44
C LEU B 76 17.14 -16.75 7.69
N LEU B 77 18.14 -15.96 8.07
CA LEU B 77 19.43 -16.06 7.38
C LEU B 77 20.04 -17.44 7.57
N SER B 78 19.98 -17.97 8.79
CA SER B 78 20.49 -19.33 9.00
C SER B 78 19.77 -20.34 8.11
N LEU B 79 18.46 -20.19 7.97
CA LEU B 79 17.70 -21.16 7.18
C LEU B 79 17.98 -21.04 5.68
N ILE B 80 18.19 -19.82 5.17
CA ILE B 80 18.44 -19.79 3.73
C ILE B 80 19.89 -20.20 3.42
N ILE B 81 20.82 -19.99 4.35
CA ILE B 81 22.16 -20.55 4.16
C ILE B 81 22.09 -22.07 4.16
N GLU B 82 21.31 -22.65 5.08
CA GLU B 82 21.10 -24.11 5.08
C GLU B 82 20.48 -24.58 3.76
N ARG B 83 19.51 -23.82 3.24
CA ARG B 83 18.90 -24.15 1.96
C ARG B 83 19.93 -24.16 0.83
N PHE B 84 20.86 -23.20 0.86
CA PHE B 84 21.85 -23.02 -0.19
C PHE B 84 22.84 -24.19 -0.28
N GLU B 85 23.14 -24.83 0.85
N GLU B 85 23.18 -24.80 0.86
CA GLU B 85 24.23 -25.80 0.90
CA GLU B 85 24.24 -25.81 0.90
C GLU B 85 23.67 -27.19 0.59
C GLU B 85 23.64 -27.17 0.59
N ILE B 86 23.52 -27.45 -0.70
CA ILE B 86 22.87 -28.67 -1.20
C ILE B 86 23.92 -29.73 -1.49
N PRO B 87 23.79 -30.93 -0.96
CA PRO B 87 24.78 -31.98 -1.27
C PRO B 87 24.58 -32.53 -2.68
N GLU B 88 25.74 -32.87 -3.33
CA GLU B 88 25.67 -33.47 -4.66
C GLU B 88 25.56 -34.99 -4.54
N PRO B 89 24.86 -35.63 -5.49
CA PRO B 89 24.70 -37.08 -5.42
C PRO B 89 25.98 -37.82 -5.74
N GLU B 90 26.07 -39.07 -5.26
CA GLU B 90 27.21 -39.93 -5.54
C GLU B 90 27.15 -40.46 -6.98
N PRO B 91 28.28 -40.91 -7.52
CA PRO B 91 28.26 -41.51 -8.87
C PRO B 91 27.30 -42.68 -8.94
N THR B 92 26.66 -42.84 -10.09
CA THR B 92 25.74 -43.94 -10.32
C THR B 92 26.48 -45.20 -10.78
N GLU B 93 25.73 -46.29 -10.93
CA GLU B 93 26.33 -47.56 -11.34
C GLU B 93 27.04 -47.42 -12.68
N ALA B 94 26.42 -46.74 -13.63
CA ALA B 94 27.07 -46.54 -14.93
C ALA B 94 28.34 -45.72 -14.80
N ASP B 95 28.32 -44.69 -13.95
CA ASP B 95 29.54 -43.91 -13.71
C ASP B 95 30.62 -44.77 -13.08
N ARG B 96 30.22 -45.61 -12.11
N ARG B 96 30.24 -45.62 -12.11
CA ARG B 96 31.15 -46.50 -11.43
CA ARG B 96 31.21 -46.48 -11.45
C ARG B 96 31.85 -47.42 -12.43
C ARG B 96 31.87 -47.44 -12.44
N ILE B 97 31.08 -48.04 -13.31
CA ILE B 97 31.64 -48.98 -14.27
C ILE B 97 32.59 -48.27 -15.24
N ALA B 98 32.25 -47.03 -15.63
CA ALA B 98 33.15 -46.28 -16.49
C ALA B 98 34.48 -46.00 -15.79
N ILE B 99 34.42 -45.54 -14.53
CA ILE B 99 35.63 -45.22 -13.79
C ILE B 99 36.47 -46.47 -13.58
N GLU B 100 35.83 -47.62 -13.35
CA GLU B 100 36.59 -48.85 -13.17
C GLU B 100 37.35 -49.26 -14.42
N ASN B 101 36.91 -48.81 -15.59
CA ASN B 101 37.60 -49.09 -16.84
C ASN B 101 38.55 -47.97 -17.25
N GLY B 102 38.79 -47.00 -16.38
CA GLY B 102 39.67 -45.90 -16.68
C GLY B 102 39.10 -44.85 -17.61
N ASP B 103 37.80 -44.86 -17.84
CA ASP B 103 37.14 -43.91 -18.71
C ASP B 103 36.50 -42.78 -17.90
N GLN B 104 36.19 -41.69 -18.58
CA GLN B 104 35.49 -40.60 -17.92
C GLN B 104 34.01 -40.92 -17.82
N PRO B 105 33.38 -40.79 -16.65
CA PRO B 105 31.95 -41.08 -16.55
C PRO B 105 31.14 -40.01 -17.25
N LEU B 106 29.94 -40.41 -17.69
CA LEU B 106 29.02 -39.45 -18.28
C LEU B 106 28.43 -38.53 -17.23
N SER B 107 28.22 -39.04 -16.01
CA SER B 107 27.69 -38.24 -14.89
C SER B 107 26.38 -37.57 -15.24
N ALA B 108 25.52 -38.29 -15.98
CA ALA B 108 24.30 -37.67 -16.50
C ALA B 108 23.38 -37.22 -15.37
N GLU B 109 23.19 -38.06 -14.34
CA GLU B 109 22.31 -37.71 -13.25
C GLU B 109 22.87 -36.56 -12.42
N LEU B 110 24.19 -36.56 -12.20
CA LEU B 110 24.83 -35.47 -11.46
C LEU B 110 24.70 -34.15 -12.22
N LYS B 111 24.96 -34.17 -13.53
CA LYS B 111 24.84 -32.94 -14.33
C LYS B 111 23.41 -32.42 -14.34
N ARG B 112 22.44 -33.31 -14.47
CA ARG B 112 21.05 -32.88 -14.43
C ARG B 112 20.69 -32.28 -13.07
N PHE B 113 21.12 -32.92 -11.99
CA PHE B 113 20.78 -32.39 -10.66
C PHE B 113 21.40 -31.02 -10.44
N ARG B 114 22.62 -30.80 -10.93
CA ARG B 114 23.23 -29.47 -10.85
C ARG B 114 22.43 -28.44 -11.64
N LYS B 115 22.07 -28.79 -12.87
CA LYS B 115 21.44 -27.82 -13.76
C LYS B 115 19.99 -27.54 -13.36
N GLU B 116 19.28 -28.54 -12.86
CA GLU B 116 17.85 -28.42 -12.65
C GLU B 116 17.43 -28.34 -11.20
N TYR B 117 18.31 -28.66 -10.24
CA TYR B 117 18.00 -28.47 -8.83
C TYR B 117 18.95 -27.49 -8.16
N ILE B 118 20.25 -27.75 -8.14
CA ILE B 118 21.17 -26.94 -7.35
C ILE B 118 21.22 -25.51 -7.88
N GLN B 119 21.50 -25.34 -9.17
CA GLN B 119 21.64 -23.99 -9.68
C GLN B 119 20.36 -23.16 -9.56
N PRO B 120 19.17 -23.67 -9.88
CA PRO B 120 17.97 -22.84 -9.65
C PRO B 120 17.73 -22.52 -8.18
N VAL B 121 17.87 -23.50 -7.28
CA VAL B 121 17.63 -23.22 -5.87
C VAL B 121 18.64 -22.20 -5.35
N GLN B 122 19.92 -22.38 -5.69
CA GLN B 122 20.95 -21.45 -5.21
C GLN B 122 20.72 -20.05 -5.76
N LEU B 123 20.38 -19.96 -7.05
CA LEU B 123 20.09 -18.65 -7.62
C LEU B 123 18.88 -18.01 -6.93
N ARG B 124 17.89 -18.81 -6.60
CA ARG B 124 16.71 -18.24 -5.96
C ARG B 124 16.98 -17.87 -4.50
N VAL B 125 17.89 -18.59 -3.83
CA VAL B 125 18.35 -18.12 -2.53
C VAL B 125 19.04 -16.76 -2.66
N LEU B 126 19.92 -16.62 -3.66
CA LEU B 126 20.56 -15.32 -3.86
C LEU B 126 19.55 -14.23 -4.18
N ASN B 127 18.48 -14.56 -4.91
CA ASN B 127 17.45 -13.56 -5.20
C ASN B 127 16.73 -13.13 -3.93
N VAL B 128 16.51 -14.05 -2.99
CA VAL B 128 15.98 -13.64 -1.69
C VAL B 128 16.94 -12.68 -1.01
N CYS B 129 18.24 -13.00 -1.01
CA CYS B 129 19.21 -12.10 -0.40
C CYS B 129 19.21 -10.73 -1.06
N ARG B 130 19.16 -10.72 -2.40
CA ARG B 130 19.18 -9.47 -3.15
C ARG B 130 17.97 -8.61 -2.82
N HIS B 131 16.78 -9.23 -2.82
CA HIS B 131 15.57 -8.48 -2.48
C HIS B 131 15.57 -8.03 -1.03
N TRP B 132 16.11 -8.87 -0.14
CA TRP B 132 16.19 -8.55 1.28
C TRP B 132 17.03 -7.29 1.49
N VAL B 133 18.20 -7.24 0.83
CA VAL B 133 19.10 -6.10 0.99
C VAL B 133 18.54 -4.86 0.28
N GLU B 134 17.95 -5.04 -0.90
CA GLU B 134 17.52 -3.87 -1.68
C GLU B 134 16.25 -3.23 -1.12
N HIS B 135 15.31 -4.03 -0.63
CA HIS B 135 13.97 -3.55 -0.33
C HIS B 135 13.56 -3.72 1.12
N HIS B 136 14.37 -4.38 1.93
CA HIS B 136 14.05 -4.59 3.34
C HIS B 136 15.31 -4.42 4.18
N PHE B 137 16.13 -3.43 3.83
CA PHE B 137 17.42 -3.24 4.45
C PHE B 137 17.33 -2.85 5.92
N TYR B 138 16.14 -2.45 6.41
CA TYR B 138 16.03 -2.06 7.81
C TYR B 138 16.43 -3.17 8.76
N ASP B 139 16.23 -4.44 8.39
CA ASP B 139 16.72 -5.51 9.26
C ASP B 139 18.21 -5.35 9.56
N PHE B 140 18.98 -4.95 8.55
CA PHE B 140 20.43 -4.83 8.69
C PHE B 140 20.82 -3.50 9.34
N GLU B 141 20.03 -2.45 9.13
CA GLU B 141 20.27 -1.19 9.83
C GLU B 141 20.10 -1.35 11.33
N ARG B 142 19.16 -2.22 11.74
CA ARG B 142 18.84 -2.39 13.15
C ARG B 142 19.63 -3.49 13.82
N ASP B 143 20.39 -4.28 13.05
CA ASP B 143 21.15 -5.39 13.62
C ASP B 143 22.44 -5.50 12.81
N ALA B 144 23.50 -4.85 13.30
CA ALA B 144 24.77 -4.82 12.56
C ALA B 144 25.39 -6.21 12.42
N TYR B 145 25.16 -7.09 13.40
CA TYR B 145 25.70 -8.44 13.29
C TYR B 145 25.01 -9.23 12.19
N LEU B 146 23.70 -9.02 12.00
CA LEU B 146 23.01 -9.65 10.87
C LEU B 146 23.66 -9.23 9.56
N LEU B 147 24.02 -7.95 9.43
CA LEU B 147 24.66 -7.47 8.21
C LEU B 147 26.02 -8.14 8.03
N GLN B 148 26.79 -8.27 9.10
CA GLN B 148 28.08 -8.95 9.00
C GLN B 148 27.90 -10.38 8.50
N ARG B 149 26.90 -11.09 9.04
CA ARG B 149 26.67 -12.47 8.60
C ARG B 149 26.30 -12.53 7.12
N MET B 150 25.45 -11.62 6.67
CA MET B 150 25.08 -11.61 5.25
C MET B 150 26.29 -11.31 4.37
N GLU B 151 27.11 -10.32 4.77
CA GLU B 151 28.31 -10.00 3.99
C GLU B 151 29.24 -11.20 3.90
N GLU B 152 29.39 -11.93 5.02
N GLU B 152 29.42 -11.91 5.03
CA GLU B 152 30.31 -13.07 5.03
CA GLU B 152 30.29 -13.07 5.05
C GLU B 152 29.76 -14.25 4.23
C GLU B 152 29.75 -14.19 4.16
N PHE B 153 28.45 -14.47 4.26
CA PHE B 153 27.86 -15.52 3.43
C PHE B 153 28.03 -15.22 1.94
N ILE B 154 27.62 -14.03 1.53
CA ILE B 154 27.70 -13.68 0.10
C ILE B 154 29.16 -13.68 -0.34
N GLY B 155 30.04 -13.10 0.48
CA GLY B 155 31.43 -12.96 0.11
C GLY B 155 32.22 -14.26 0.06
N THR B 156 31.66 -15.37 0.54
CA THR B 156 32.36 -16.65 0.52
C THR B 156 31.66 -17.70 -0.35
N VAL B 157 30.68 -17.31 -1.16
CA VAL B 157 30.13 -18.23 -2.15
C VAL B 157 31.16 -18.46 -3.25
N ARG B 158 31.49 -19.73 -3.48
CA ARG B 158 32.51 -20.11 -4.46
C ARG B 158 31.87 -20.58 -5.76
N GLY B 159 32.69 -20.64 -6.79
CA GLY B 159 32.27 -21.31 -8.01
C GLY B 159 31.62 -20.37 -9.01
N LYS B 160 31.79 -20.68 -10.29
CA LYS B 160 31.58 -19.69 -11.34
C LYS B 160 30.12 -19.48 -11.70
N ALA B 161 29.24 -20.45 -11.42
CA ALA B 161 27.85 -20.29 -11.87
C ALA B 161 27.16 -19.12 -11.17
N MET B 162 27.49 -18.87 -9.90
CA MET B 162 26.87 -17.80 -9.13
C MET B 162 27.69 -16.51 -9.12
N LYS B 163 28.88 -16.51 -9.75
CA LYS B 163 29.87 -15.46 -9.49
C LYS B 163 29.36 -14.07 -9.85
N LYS B 164 28.66 -13.93 -10.98
CA LYS B 164 28.19 -12.60 -11.38
C LYS B 164 27.25 -11.99 -10.34
N TRP B 165 26.37 -12.82 -9.78
CA TRP B 165 25.39 -12.31 -8.83
C TRP B 165 26.01 -12.11 -7.44
N VAL B 166 26.97 -12.95 -7.06
CA VAL B 166 27.66 -12.75 -5.79
C VAL B 166 28.43 -11.44 -5.79
N GLU B 167 29.17 -11.17 -6.86
CA GLU B 167 29.93 -9.93 -6.93
C GLU B 167 29.00 -8.73 -6.98
N SER B 168 27.87 -8.85 -7.68
CA SER B 168 26.91 -7.76 -7.74
C SER B 168 26.29 -7.51 -6.35
N ILE B 169 25.89 -8.58 -5.66
CA ILE B 169 25.23 -8.41 -4.38
C ILE B 169 26.18 -7.82 -3.35
N THR B 170 27.46 -8.21 -3.40
CA THR B 170 28.46 -7.58 -2.54
C THR B 170 28.48 -6.07 -2.74
N LYS B 171 28.48 -5.62 -4.00
CA LYS B 171 28.51 -4.19 -4.27
C LYS B 171 27.22 -3.50 -3.82
N ILE B 172 26.08 -4.16 -4.04
CA ILE B 172 24.80 -3.58 -3.63
C ILE B 172 24.78 -3.35 -2.13
N ILE B 173 25.26 -4.32 -1.36
CA ILE B 173 25.31 -4.18 0.10
C ILE B 173 26.15 -2.98 0.47
N GLN B 174 27.34 -2.85 -0.12
CA GLN B 174 28.23 -1.75 0.24
C GLN B 174 27.59 -0.40 -0.11
N ARG B 175 26.90 -0.32 -1.25
N ARG B 175 26.86 -0.32 -1.22
CA ARG B 175 26.16 0.88 -1.61
CA ARG B 175 26.19 0.93 -1.57
C ARG B 175 25.10 1.20 -0.57
C ARG B 175 25.04 1.23 -0.62
N LYS B 176 24.28 0.20 -0.21
CA LYS B 176 23.19 0.42 0.74
C LYS B 176 23.70 0.91 2.08
N LYS B 177 24.94 0.56 2.44
CA LYS B 177 25.46 0.98 3.73
C LYS B 177 25.69 2.49 3.80
N ILE B 178 26.22 3.09 2.71
CA ILE B 178 26.49 4.53 2.73
C ILE B 178 25.36 5.36 2.16
N ALA B 179 24.28 4.74 1.71
CA ALA B 179 23.13 5.48 1.18
C ALA B 179 22.26 6.01 2.31
N ASN B 187 16.64 11.01 -8.87
CA ASN B 187 16.71 11.70 -10.15
C ASN B 187 15.57 11.26 -11.08
N ILE B 188 14.81 12.22 -11.60
CA ILE B 188 13.55 11.98 -12.27
C ILE B 188 13.56 12.64 -13.64
N THR B 189 13.01 11.95 -14.65
CA THR B 189 12.88 12.48 -16.00
C THR B 189 11.42 12.38 -16.48
N PHE B 190 10.94 13.41 -17.19
CA PHE B 190 9.54 13.51 -17.56
C PHE B 190 9.31 13.64 -19.06
N GLN B 191 8.10 13.27 -19.47
CA GLN B 191 7.66 13.43 -20.86
C GLN B 191 7.52 14.90 -21.25
N SER B 192 7.25 15.79 -20.29
CA SER B 192 7.02 17.19 -20.60
C SER B 192 7.55 18.06 -19.46
N SER B 193 7.44 19.38 -19.65
CA SER B 193 7.82 20.35 -18.63
C SER B 193 6.66 20.57 -17.66
N PRO B 194 6.96 20.81 -16.38
CA PRO B 194 5.89 21.15 -15.45
C PRO B 194 5.29 22.50 -15.79
N PRO B 195 4.04 22.74 -15.41
CA PRO B 195 3.41 24.04 -15.72
C PRO B 195 4.04 25.16 -14.92
N THR B 196 3.81 26.38 -15.38
CA THR B 196 4.36 27.56 -14.72
C THR B 196 3.70 27.76 -13.36
N VAL B 197 4.51 28.12 -12.36
CA VAL B 197 3.98 28.42 -11.03
C VAL B 197 3.10 29.66 -11.10
N GLU B 198 1.94 29.60 -10.43
CA GLU B 198 0.95 30.68 -10.49
C GLU B 198 0.97 31.52 -9.23
N TRP B 199 0.80 32.84 -9.41
CA TRP B 199 0.81 33.79 -8.31
C TRP B 199 -0.44 34.66 -8.35
N HIS B 200 -0.85 35.13 -7.16
CA HIS B 200 -2.08 35.91 -6.98
C HIS B 200 -1.68 37.20 -6.26
N ILE B 201 -2.20 37.45 -5.07
CA ILE B 201 -1.89 38.70 -4.37
C ILE B 201 -0.47 38.66 -3.81
N SER B 202 -0.12 37.60 -3.09
CA SER B 202 1.26 37.42 -2.65
C SER B 202 2.17 37.23 -3.85
N ARG B 203 3.29 37.94 -3.88
CA ARG B 203 4.23 37.85 -4.98
C ARG B 203 5.45 37.03 -4.55
N PRO B 204 6.24 36.53 -5.51
CA PRO B 204 7.41 35.69 -5.16
C PRO B 204 8.31 36.38 -4.15
N GLY B 205 8.71 35.61 -3.13
CA GLY B 205 9.61 36.09 -2.11
C GLY B 205 8.97 36.82 -0.94
N HIS B 206 7.66 37.10 -1.01
CA HIS B 206 7.00 37.86 0.05
C HIS B 206 6.21 36.93 0.96
N ILE B 207 6.98 36.08 1.66
CA ILE B 207 6.42 34.99 2.44
C ILE B 207 5.56 35.53 3.58
N GLU B 208 5.84 36.76 4.03
CA GLU B 208 5.10 37.32 5.16
C GLU B 208 3.64 37.60 4.84
N THR B 209 3.28 37.71 3.55
CA THR B 209 1.90 37.92 3.15
C THR B 209 1.16 36.63 2.78
N PHE B 210 1.87 35.50 2.73
CA PHE B 210 1.25 34.23 2.35
C PHE B 210 0.08 33.89 3.27
N ASP B 211 -1.05 33.50 2.69
CA ASP B 211 -2.23 33.12 3.45
C ASP B 211 -3.19 32.41 2.50
N LEU B 212 -4.28 31.91 3.05
CA LEU B 212 -5.25 31.15 2.27
C LEU B 212 -5.75 31.92 1.05
N LEU B 213 -6.05 33.21 1.23
CA LEU B 213 -6.67 33.98 0.15
C LEU B 213 -5.67 34.73 -0.70
N THR B 214 -4.42 34.86 -0.26
CA THR B 214 -3.43 35.65 -0.99
C THR B 214 -2.53 34.81 -1.89
N LEU B 215 -2.27 33.55 -1.54
CA LEU B 215 -1.67 32.63 -2.50
C LEU B 215 -2.70 32.26 -3.57
N HIS B 216 -2.21 31.83 -4.73
CA HIS B 216 -3.11 31.41 -5.80
C HIS B 216 -3.70 30.06 -5.45
N PRO B 217 -5.03 29.88 -5.53
CA PRO B 217 -5.61 28.59 -5.15
C PRO B 217 -5.07 27.43 -5.97
N ILE B 218 -4.74 27.65 -7.25
CA ILE B 218 -4.12 26.58 -8.03
C ILE B 218 -2.80 26.17 -7.39
N GLU B 219 -1.99 27.14 -6.98
CA GLU B 219 -0.66 26.83 -6.49
C GLU B 219 -0.70 26.30 -5.06
N ILE B 220 -1.69 26.71 -4.27
CA ILE B 220 -1.90 26.08 -2.97
C ILE B 220 -2.12 24.57 -3.17
N ALA B 221 -3.00 24.21 -4.09
CA ALA B 221 -3.28 22.80 -4.29
C ALA B 221 -2.07 22.05 -4.86
N ARG B 222 -1.31 22.68 -5.76
CA ARG B 222 -0.14 22.02 -6.34
C ARG B 222 0.93 21.78 -5.27
N GLN B 223 1.22 22.79 -4.46
CA GLN B 223 2.30 22.64 -3.49
C GLN B 223 1.91 21.70 -2.36
N LEU B 224 0.63 21.72 -1.95
CA LEU B 224 0.17 20.74 -0.97
C LEU B 224 0.19 19.33 -1.56
N THR B 225 -0.08 19.20 -2.85
CA THR B 225 -0.02 17.88 -3.48
C THR B 225 1.41 17.35 -3.54
N LEU B 226 2.39 18.20 -3.89
CA LEU B 226 3.78 17.77 -3.82
C LEU B 226 4.17 17.34 -2.40
N LEU B 227 3.79 18.14 -1.41
CA LEU B 227 4.11 17.80 -0.02
C LEU B 227 3.45 16.48 0.40
N GLU B 228 2.15 16.35 0.09
CA GLU B 228 1.41 15.15 0.51
C GLU B 228 1.82 13.92 -0.27
N SER B 229 2.21 14.08 -1.54
CA SER B 229 2.77 12.97 -2.30
C SER B 229 4.10 12.50 -1.70
N ASP B 230 5.00 13.44 -1.39
CA ASP B 230 6.26 13.04 -0.74
C ASP B 230 6.00 12.32 0.58
N LEU B 231 5.07 12.82 1.39
CA LEU B 231 4.76 12.16 2.67
C LEU B 231 4.20 10.76 2.43
N TYR B 232 3.33 10.61 1.43
CA TYR B 232 2.77 9.31 1.09
C TYR B 232 3.87 8.34 0.64
N ARG B 233 4.76 8.82 -0.23
CA ARG B 233 5.81 7.98 -0.82
C ARG B 233 6.85 7.54 0.20
N ALA B 234 6.97 8.24 1.34
CA ALA B 234 8.01 7.93 2.31
C ALA B 234 7.64 6.78 3.25
N VAL B 235 6.38 6.33 3.27
CA VAL B 235 5.94 5.33 4.26
C VAL B 235 6.38 3.94 3.79
N GLN B 236 7.16 3.24 4.62
CA GLN B 236 7.66 1.91 4.29
C GLN B 236 6.80 0.82 4.92
N PRO B 237 6.81 -0.39 4.37
CA PRO B 237 6.00 -1.47 4.97
C PRO B 237 6.39 -1.80 6.40
N SER B 238 7.65 -1.57 6.77
CA SER B 238 8.09 -1.80 8.14
C SER B 238 7.29 -0.97 9.15
N GLU B 239 6.69 0.12 8.70
N GLU B 239 6.69 0.14 8.71
CA GLU B 239 5.89 0.95 9.61
CA GLU B 239 5.88 0.95 9.61
C GLU B 239 4.46 0.43 9.76
C GLU B 239 4.46 0.45 9.75
N LEU B 240 4.08 -0.59 9.01
CA LEU B 240 2.71 -1.08 8.92
C LEU B 240 2.54 -2.51 9.41
N VAL B 241 3.44 -3.41 9.04
CA VAL B 241 3.27 -4.80 9.44
C VAL B 241 3.34 -4.92 10.97
N GLY B 242 2.54 -5.85 11.52
CA GLY B 242 2.42 -5.97 12.96
C GLY B 242 1.60 -4.88 13.61
N SER B 243 0.91 -4.06 12.81
CA SER B 243 0.06 -2.97 13.33
C SER B 243 0.83 -2.03 14.25
N VAL B 244 2.12 -1.85 13.97
CA VAL B 244 2.99 -1.17 14.93
C VAL B 244 2.67 0.31 15.08
N TRP B 245 1.96 0.92 14.13
CA TRP B 245 1.59 2.33 14.26
C TRP B 245 0.50 2.57 15.31
N THR B 246 -0.10 1.49 15.83
CA THR B 246 -1.12 1.60 16.88
C THR B 246 -0.57 1.27 18.26
N LYS B 247 0.67 0.79 18.36
CA LYS B 247 1.21 0.24 19.60
C LYS B 247 2.03 1.31 20.35
N GLU B 248 2.54 0.92 21.53
CA GLU B 248 3.14 1.91 22.41
C GLU B 248 4.39 2.55 21.81
N ASP B 249 5.13 1.82 20.97
CA ASP B 249 6.34 2.34 20.34
C ASP B 249 6.07 2.93 18.95
N LYS B 250 4.84 3.35 18.68
CA LYS B 250 4.50 3.85 17.34
C LYS B 250 5.42 4.99 16.88
N GLU B 251 5.85 5.87 17.79
CA GLU B 251 6.69 6.97 17.34
C GLU B 251 8.05 6.48 16.86
N ILE B 252 8.51 5.35 17.41
CA ILE B 252 9.78 4.76 16.99
C ILE B 252 9.61 4.00 15.69
N ASN B 253 8.53 3.22 15.57
CA ASN B 253 8.40 2.28 14.47
C ASN B 253 7.67 2.83 13.26
N SER B 254 6.86 3.89 13.41
CA SER B 254 6.07 4.41 12.29
C SER B 254 6.20 5.92 12.10
N PRO B 255 7.42 6.48 12.13
CA PRO B 255 7.55 7.95 12.11
C PRO B 255 7.10 8.59 10.81
N ASN B 256 7.34 7.97 9.65
CA ASN B 256 6.90 8.61 8.41
C ASN B 256 5.39 8.57 8.28
N LEU B 257 4.77 7.45 8.65
CA LEU B 257 3.31 7.39 8.63
C LEU B 257 2.71 8.46 9.52
N LEU B 258 3.23 8.58 10.75
CA LEU B 258 2.66 9.54 11.68
C LEU B 258 2.88 10.98 11.20
N LYS B 259 4.03 11.27 10.61
N LYS B 259 4.03 11.28 10.60
CA LYS B 259 4.26 12.61 10.04
CA LYS B 259 4.24 12.61 10.05
C LYS B 259 3.22 12.90 8.96
C LYS B 259 3.24 12.91 8.94
N MET B 260 2.94 11.90 8.12
CA MET B 260 1.96 12.06 7.06
C MET B 260 0.57 12.34 7.63
N ILE B 261 0.15 11.57 8.64
CA ILE B 261 -1.19 11.77 9.22
C ILE B 261 -1.27 13.13 9.92
N ARG B 262 -0.20 13.52 10.62
CA ARG B 262 -0.24 14.79 11.34
C ARG B 262 -0.29 15.97 10.39
N HIS B 263 0.32 15.86 9.21
CA HIS B 263 0.13 16.91 8.20
C HIS B 263 -1.34 17.01 7.80
N THR B 264 -1.95 15.86 7.50
CA THR B 264 -3.36 15.85 7.10
C THR B 264 -4.25 16.46 8.19
N THR B 265 -4.00 16.10 9.44
CA THR B 265 -4.79 16.66 10.54
C THR B 265 -4.59 18.15 10.64
N ASN B 266 -3.34 18.61 10.53
CA ASN B 266 -3.06 20.04 10.65
C ASN B 266 -3.72 20.84 9.53
N LEU B 267 -3.73 20.32 8.31
CA LEU B 267 -4.36 21.06 7.22
C LEU B 267 -5.87 21.14 7.42
N THR B 268 -6.49 20.05 7.84
CA THR B 268 -7.92 20.08 8.11
C THR B 268 -8.23 21.12 9.18
N LEU B 269 -7.48 21.11 10.28
CA LEU B 269 -7.71 22.10 11.34
C LEU B 269 -7.44 23.52 10.85
N TRP B 270 -6.45 23.70 9.98
CA TRP B 270 -6.18 25.04 9.44
C TRP B 270 -7.36 25.54 8.62
N PHE B 271 -7.93 24.67 7.77
CA PHE B 271 -9.12 25.06 7.02
C PHE B 271 -10.26 25.47 7.96
N GLU B 272 -10.51 24.66 9.00
CA GLU B 272 -11.55 25.02 9.97
C GLU B 272 -11.26 26.35 10.64
N LYS B 273 -10.00 26.57 11.05
CA LYS B 273 -9.62 27.82 11.71
C LYS B 273 -9.79 29.01 10.77
N CYS B 274 -9.38 28.89 9.51
CA CYS B 274 -9.57 29.98 8.55
C CYS B 274 -11.03 30.36 8.44
N ILE B 275 -11.91 29.35 8.47
CA ILE B 275 -13.35 29.58 8.30
C ILE B 275 -13.92 30.29 9.53
N VAL B 276 -13.78 29.68 10.71
CA VAL B 276 -14.49 30.22 11.87
C VAL B 276 -13.85 31.50 12.41
N GLU B 277 -12.57 31.76 12.13
CA GLU B 277 -11.98 33.03 12.55
C GLU B 277 -12.29 34.17 11.60
N THR B 278 -13.00 33.91 10.51
CA THR B 278 -13.48 34.95 9.60
C THR B 278 -14.91 35.24 10.04
N GLU B 279 -15.06 36.26 10.87
CA GLU B 279 -16.36 36.49 11.52
C GLU B 279 -17.37 37.19 10.61
N ASN B 280 -16.91 38.02 9.67
CA ASN B 280 -17.80 38.65 8.71
C ASN B 280 -18.35 37.60 7.74
N LEU B 281 -19.68 37.59 7.59
CA LEU B 281 -20.34 36.55 6.79
C LEU B 281 -19.86 36.56 5.34
N GLU B 282 -19.84 37.74 4.72
CA GLU B 282 -19.42 37.82 3.31
C GLU B 282 -17.99 37.33 3.14
N GLU B 283 -17.10 37.73 4.04
CA GLU B 283 -15.71 37.26 3.95
C GLU B 283 -15.63 35.76 4.17
N ARG B 284 -16.44 35.22 5.08
CA ARG B 284 -16.38 33.79 5.38
C ARG B 284 -16.89 32.97 4.20
N VAL B 285 -17.89 33.47 3.48
CA VAL B 285 -18.33 32.82 2.24
C VAL B 285 -17.18 32.77 1.24
N ALA B 286 -16.40 33.86 1.14
CA ALA B 286 -15.26 33.86 0.22
C ALA B 286 -14.21 32.85 0.65
N VAL B 287 -14.00 32.69 1.96
CA VAL B 287 -13.05 31.71 2.47
C VAL B 287 -13.50 30.29 2.13
N VAL B 288 -14.77 29.96 2.40
CA VAL B 288 -15.26 28.61 2.14
C VAL B 288 -15.22 28.32 0.63
N SER B 289 -15.62 29.30 -0.17
N SER B 289 -15.63 29.29 -0.18
CA SER B 289 -15.59 29.16 -1.63
CA SER B 289 -15.57 29.12 -1.63
C SER B 289 -14.16 28.89 -2.11
C SER B 289 -14.15 28.87 -2.11
N ARG B 290 -13.18 29.58 -1.53
CA ARG B 290 -11.80 29.38 -1.95
C ARG B 290 -11.32 27.96 -1.60
N ILE B 291 -11.70 27.46 -0.42
CA ILE B 291 -11.31 26.11 -0.04
C ILE B 291 -11.93 25.08 -0.98
N ILE B 292 -13.18 25.31 -1.42
CA ILE B 292 -13.79 24.39 -2.37
C ILE B 292 -13.08 24.45 -3.73
N GLU B 293 -12.59 25.62 -4.14
CA GLU B 293 -11.78 25.68 -5.35
C GLU B 293 -10.49 24.89 -5.20
N ILE B 294 -9.84 24.98 -4.03
CA ILE B 294 -8.64 24.16 -3.79
C ILE B 294 -8.99 22.69 -3.90
N LEU B 295 -10.15 22.30 -3.36
N LEU B 295 -10.14 22.30 -3.32
CA LEU B 295 -10.61 20.92 -3.47
CA LEU B 295 -10.64 20.94 -3.47
C LEU B 295 -10.80 20.50 -4.93
C LEU B 295 -10.74 20.54 -4.94
N GLN B 296 -11.31 21.41 -5.77
CA GLN B 296 -11.46 21.10 -7.20
C GLN B 296 -10.12 20.79 -7.84
N VAL B 297 -9.07 21.54 -7.50
CA VAL B 297 -7.76 21.26 -8.07
C VAL B 297 -7.19 19.96 -7.50
N PHE B 298 -7.39 19.72 -6.20
CA PHE B 298 -7.03 18.41 -5.65
C PHE B 298 -7.64 17.27 -6.45
N GLN B 299 -8.93 17.37 -6.77
CA GLN B 299 -9.57 16.33 -7.59
C GLN B 299 -8.91 16.21 -8.95
N GLU B 300 -8.60 17.34 -9.58
CA GLU B 300 -7.96 17.30 -10.90
C GLU B 300 -6.59 16.63 -10.83
N LEU B 301 -5.89 16.77 -9.71
CA LEU B 301 -4.57 16.19 -9.51
C LEU B 301 -4.61 14.76 -8.95
N ASN B 302 -5.81 14.20 -8.73
CA ASN B 302 -5.94 12.88 -8.09
C ASN B 302 -5.30 12.87 -6.70
N ASN B 303 -5.32 14.01 -5.99
CA ASN B 303 -4.82 14.03 -4.62
C ASN B 303 -6.00 13.75 -3.71
N PHE B 304 -6.25 12.46 -3.46
CA PHE B 304 -7.41 12.08 -2.65
C PHE B 304 -7.20 12.37 -1.17
N ASN B 305 -5.96 12.32 -0.69
CA ASN B 305 -5.70 12.80 0.67
C ASN B 305 -6.15 14.24 0.82
N GLY B 306 -5.77 15.10 -0.14
CA GLY B 306 -6.19 16.49 -0.13
C GLY B 306 -7.69 16.66 -0.21
N VAL B 307 -8.33 15.91 -1.10
CA VAL B 307 -9.79 15.93 -1.17
C VAL B 307 -10.41 15.67 0.20
N LEU B 308 -9.94 14.62 0.89
CA LEU B 308 -10.58 14.28 2.16
C LEU B 308 -10.19 15.24 3.27
N GLU B 309 -9.00 15.86 3.18
CA GLU B 309 -8.64 16.94 4.11
C GLU B 309 -9.71 18.02 4.10
N VAL B 310 -10.18 18.39 2.90
CA VAL B 310 -11.20 19.44 2.77
C VAL B 310 -12.54 18.93 3.25
N VAL B 311 -12.95 17.74 2.77
CA VAL B 311 -14.23 17.18 3.16
C VAL B 311 -14.34 17.03 4.68
N SER B 312 -13.26 16.54 5.32
CA SER B 312 -13.27 16.41 6.79
C SER B 312 -13.48 17.76 7.46
N ALA B 313 -12.86 18.81 6.93
CA ALA B 313 -13.07 20.13 7.52
C ALA B 313 -14.50 20.59 7.36
N MET B 314 -15.09 20.34 6.19
CA MET B 314 -16.47 20.79 5.94
C MET B 314 -17.48 20.03 6.77
N ASN B 315 -17.18 18.78 7.12
CA ASN B 315 -18.04 17.95 7.96
C ASN B 315 -17.78 18.13 9.45
N SER B 316 -16.79 18.93 9.84
CA SER B 316 -16.48 19.09 11.25
C SER B 316 -17.62 19.81 11.95
N SER B 317 -17.75 19.57 13.27
CA SER B 317 -18.78 20.24 14.05
C SER B 317 -18.76 21.76 13.92
N PRO B 318 -17.62 22.46 13.98
CA PRO B 318 -17.66 23.93 13.89
C PRO B 318 -18.11 24.45 12.54
N VAL B 319 -17.82 23.74 11.45
CA VAL B 319 -18.08 24.27 10.11
C VAL B 319 -19.44 23.83 9.59
N TYR B 320 -19.78 22.55 9.79
CA TYR B 320 -20.99 21.99 9.21
C TYR B 320 -22.24 22.74 9.62
N ARG B 321 -22.24 23.34 10.81
CA ARG B 321 -23.43 24.00 11.33
C ARG B 321 -23.62 25.42 10.81
N LEU B 322 -22.74 25.91 9.95
CA LEU B 322 -22.79 27.32 9.51
C LEU B 322 -23.74 27.46 8.32
N ASP B 323 -25.03 27.30 8.63
CA ASP B 323 -26.07 27.31 7.60
C ASP B 323 -26.14 28.61 6.82
N HIS B 324 -25.91 29.76 7.49
CA HIS B 324 -25.94 31.04 6.79
C HIS B 324 -24.81 31.13 5.78
N THR B 325 -23.66 30.54 6.09
CA THR B 325 -22.54 30.54 5.16
C THR B 325 -22.82 29.61 3.99
N PHE B 326 -23.25 28.38 4.29
CA PHE B 326 -23.50 27.40 3.24
C PHE B 326 -24.59 27.89 2.29
N GLU B 327 -25.56 28.65 2.82
CA GLU B 327 -26.67 29.13 1.98
C GLU B 327 -26.16 30.00 0.82
N GLN B 328 -25.05 30.71 1.02
CA GLN B 328 -24.55 31.63 0.01
C GLN B 328 -23.48 31.03 -0.88
N ILE B 329 -23.11 29.77 -0.67
CA ILE B 329 -22.12 29.13 -1.55
C ILE B 329 -22.76 28.89 -2.91
N PRO B 330 -22.12 29.28 -4.01
CA PRO B 330 -22.70 29.06 -5.34
C PRO B 330 -23.03 27.60 -5.59
N SER B 331 -24.08 27.40 -6.38
CA SER B 331 -24.59 26.04 -6.62
C SER B 331 -23.52 25.13 -7.22
N ARG B 332 -22.72 25.65 -8.16
CA ARG B 332 -21.71 24.80 -8.77
C ARG B 332 -20.67 24.33 -7.76
N GLN B 333 -20.42 25.12 -6.71
CA GLN B 333 -19.46 24.72 -5.70
C GLN B 333 -20.08 23.77 -4.68
N LYS B 334 -21.37 23.95 -4.38
CA LYS B 334 -22.07 22.94 -3.59
C LYS B 334 -21.99 21.58 -4.27
N LYS B 335 -22.10 21.56 -5.60
CA LYS B 335 -22.05 20.30 -6.32
C LYS B 335 -20.66 19.66 -6.26
N ILE B 336 -19.61 20.49 -6.34
CA ILE B 336 -18.24 19.96 -6.21
C ILE B 336 -18.04 19.33 -4.84
N LEU B 337 -18.48 20.02 -3.79
CA LEU B 337 -18.30 19.49 -2.44
C LEU B 337 -19.14 18.24 -2.24
N GLU B 338 -20.36 18.24 -2.77
CA GLU B 338 -21.22 17.06 -2.61
C GLU B 338 -20.61 15.85 -3.30
N GLU B 339 -20.09 16.02 -4.52
CA GLU B 339 -19.44 14.89 -5.20
C GLU B 339 -18.26 14.37 -4.39
N ALA B 340 -17.46 15.27 -3.81
CA ALA B 340 -16.34 14.83 -3.01
C ALA B 340 -16.82 14.11 -1.75
N HIS B 341 -17.85 14.63 -1.09
CA HIS B 341 -18.37 13.95 0.09
C HIS B 341 -18.87 12.55 -0.25
N GLU B 342 -19.49 12.38 -1.42
CA GLU B 342 -20.04 11.08 -1.78
C GLU B 342 -18.96 10.04 -2.00
N LEU B 343 -17.71 10.44 -2.24
CA LEU B 343 -16.62 9.47 -2.32
C LEU B 343 -16.52 8.64 -1.05
N SER B 344 -16.82 9.23 0.11
CA SER B 344 -16.65 8.57 1.39
C SER B 344 -17.86 7.76 1.84
N GLU B 345 -19.01 7.96 1.21
CA GLU B 345 -20.23 7.28 1.62
C GLU B 345 -20.13 5.77 1.38
N ASP B 346 -20.97 5.03 2.09
CA ASP B 346 -21.04 3.57 1.96
C ASP B 346 -19.66 2.93 2.07
N HIS B 347 -18.94 3.31 3.13
CA HIS B 347 -17.61 2.73 3.42
C HIS B 347 -16.66 2.96 2.24
N TYR B 348 -16.65 4.20 1.73
CA TYR B 348 -15.71 4.64 0.69
C TYR B 348 -15.91 3.92 -0.64
N LYS B 349 -17.14 3.47 -0.91
CA LYS B 349 -17.38 2.70 -2.13
C LYS B 349 -16.95 3.46 -3.38
N LYS B 350 -17.37 4.72 -3.53
CA LYS B 350 -17.03 5.47 -4.75
C LYS B 350 -15.56 5.89 -4.77
N TYR B 351 -14.99 6.20 -3.61
CA TYR B 351 -13.54 6.45 -3.55
C TYR B 351 -12.75 5.26 -4.08
N LEU B 352 -13.06 4.06 -3.59
CA LEU B 352 -12.27 2.90 -3.98
C LEU B 352 -12.36 2.65 -5.48
N ALA B 353 -13.55 2.82 -6.06
CA ALA B 353 -13.71 2.66 -7.50
C ALA B 353 -12.96 3.75 -8.26
N LYS B 354 -12.96 4.98 -7.75
CA LYS B 354 -12.28 6.06 -8.45
C LYS B 354 -10.76 5.88 -8.41
N LEU B 355 -10.22 5.54 -7.23
CA LEU B 355 -8.78 5.27 -7.12
C LEU B 355 -8.32 4.24 -8.15
N ARG B 356 -9.11 3.18 -8.33
CA ARG B 356 -8.75 2.10 -9.25
C ARG B 356 -9.02 2.44 -10.71
N SER B 357 -9.61 3.59 -11.00
CA SER B 357 -9.89 3.98 -12.38
C SER B 357 -8.99 5.08 -12.91
N ILE B 358 -8.38 5.89 -12.04
CA ILE B 358 -7.66 7.07 -12.52
C ILE B 358 -6.30 6.69 -13.11
N ASN B 359 -5.67 7.66 -13.79
CA ASN B 359 -4.32 7.51 -14.30
C ASN B 359 -3.37 8.17 -13.31
N PRO B 360 -2.50 7.43 -12.65
CA PRO B 360 -1.56 8.05 -11.70
C PRO B 360 -0.64 9.03 -12.41
N PRO B 361 0.05 9.91 -11.67
CA PRO B 361 0.19 9.95 -10.21
C PRO B 361 -1.08 10.32 -9.44
N CYS B 362 -1.15 9.80 -8.22
CA CYS B 362 -2.22 10.13 -7.29
C CYS B 362 -1.64 10.11 -5.89
N VAL B 363 -2.40 10.65 -4.94
CA VAL B 363 -2.11 10.51 -3.51
C VAL B 363 -3.29 9.82 -2.85
N PRO B 364 -3.18 8.54 -2.54
CA PRO B 364 -4.30 7.84 -1.89
C PRO B 364 -4.55 8.39 -0.49
N PHE B 365 -5.77 8.17 -0.02
CA PHE B 365 -6.07 8.32 1.41
C PHE B 365 -5.55 7.07 2.15
N PHE B 366 -4.64 7.27 3.12
CA PHE B 366 -4.00 6.12 3.76
C PHE B 366 -4.90 5.40 4.78
N GLY B 367 -5.91 6.09 5.32
CA GLY B 367 -6.63 5.54 6.47
C GLY B 367 -7.29 4.20 6.18
N ILE B 368 -7.81 4.01 4.97
CA ILE B 368 -8.47 2.75 4.63
C ILE B 368 -7.46 1.61 4.68
N TYR B 369 -6.25 1.85 4.16
CA TYR B 369 -5.22 0.82 4.22
C TYR B 369 -4.91 0.42 5.66
N LEU B 370 -4.83 1.41 6.55
CA LEU B 370 -4.50 1.13 7.94
C LEU B 370 -5.57 0.27 8.59
N THR B 371 -6.83 0.62 8.39
CA THR B 371 -7.91 -0.18 8.96
C THR B 371 -7.90 -1.60 8.40
N ASN B 372 -7.63 -1.76 7.11
CA ASN B 372 -7.68 -3.10 6.53
C ASN B 372 -6.50 -3.94 6.98
N ILE B 373 -5.31 -3.33 7.15
CA ILE B 373 -4.18 -4.10 7.67
C ILE B 373 -4.45 -4.53 9.11
N LEU B 374 -4.93 -3.59 9.93
N LEU B 374 -4.92 -3.59 9.94
CA LEU B 374 -5.20 -3.88 11.34
CA LEU B 374 -5.18 -3.91 11.35
C LEU B 374 -6.23 -4.99 11.50
C LEU B 374 -6.22 -5.01 11.48
N LYS B 375 -7.32 -4.92 10.73
CA LYS B 375 -8.38 -5.91 10.87
C LYS B 375 -7.96 -7.26 10.31
N THR B 376 -7.15 -7.27 9.24
CA THR B 376 -6.61 -8.53 8.75
C THR B 376 -5.72 -9.20 9.80
N GLU B 377 -4.87 -8.40 10.46
N GLU B 377 -4.92 -8.40 10.50
CA GLU B 377 -4.02 -8.94 11.51
CA GLU B 377 -4.02 -9.00 11.49
C GLU B 377 -4.85 -9.46 12.67
C GLU B 377 -4.76 -9.41 12.76
N GLU B 378 -5.81 -8.67 13.14
CA GLU B 378 -6.56 -9.00 14.34
C GLU B 378 -7.55 -10.12 14.10
N GLY B 379 -8.06 -10.25 12.87
CA GLY B 379 -9.14 -11.16 12.57
C GLY B 379 -8.76 -12.52 12.05
N ASN B 380 -7.46 -12.83 11.95
CA ASN B 380 -6.99 -14.12 11.47
C ASN B 380 -5.94 -14.68 12.43
N PRO B 381 -5.92 -15.99 12.63
CA PRO B 381 -4.96 -16.56 13.59
C PRO B 381 -3.56 -16.66 13.00
N GLU B 382 -2.57 -16.57 13.89
CA GLU B 382 -1.18 -16.70 13.48
C GLU B 382 -0.87 -18.11 12.97
N VAL B 383 -1.50 -19.13 13.55
CA VAL B 383 -1.20 -20.51 13.15
C VAL B 383 -2.49 -21.26 12.87
N LEU B 384 -2.37 -22.31 12.07
CA LEU B 384 -3.44 -23.28 11.90
C LEU B 384 -2.98 -24.60 12.49
N LYS B 385 -3.87 -25.26 13.22
CA LYS B 385 -3.58 -26.55 13.84
C LYS B 385 -4.12 -27.67 12.95
N ARG B 386 -3.25 -28.56 12.51
CA ARG B 386 -3.61 -29.64 11.60
C ARG B 386 -2.81 -30.87 11.98
N HIS B 387 -3.52 -31.98 12.24
CA HIS B 387 -2.87 -33.28 12.50
C HIS B 387 -1.88 -33.18 13.66
N GLY B 388 -2.22 -32.39 14.68
CA GLY B 388 -1.37 -32.21 15.84
C GLY B 388 -0.22 -31.24 15.66
N LYS B 389 -0.04 -30.68 14.47
CA LYS B 389 1.04 -29.75 14.18
C LYS B 389 0.51 -28.32 14.11
N GLU B 390 1.37 -27.37 14.44
CA GLU B 390 1.06 -25.97 14.23
C GLU B 390 1.74 -25.50 12.96
N LEU B 391 0.95 -25.04 12.00
CA LEU B 391 1.46 -24.52 10.73
C LEU B 391 1.29 -23.00 10.70
N ILE B 392 2.29 -22.31 10.15
CA ILE B 392 2.16 -20.86 9.97
C ILE B 392 1.02 -20.56 9.01
N ASN B 393 0.09 -19.70 9.44
CA ASN B 393 -1.01 -19.27 8.58
C ASN B 393 -0.48 -18.25 7.59
N PHE B 394 -0.04 -18.73 6.43
CA PHE B 394 0.56 -17.80 5.46
C PHE B 394 -0.48 -17.00 4.69
N SER B 395 -1.70 -17.53 4.54
N SER B 395 -1.70 -17.53 4.54
CA SER B 395 -2.74 -16.77 3.84
CA SER B 395 -2.76 -16.79 3.85
C SER B 395 -2.96 -15.42 4.50
C SER B 395 -2.97 -15.43 4.51
N LYS B 396 -2.89 -15.37 5.84
CA LYS B 396 -3.04 -14.11 6.55
C LYS B 396 -1.96 -13.11 6.15
N ARG B 397 -0.71 -13.59 6.04
CA ARG B 397 0.38 -12.72 5.63
C ARG B 397 0.25 -12.29 4.18
N ARG B 398 -0.23 -13.19 3.31
CA ARG B 398 -0.46 -12.79 1.91
C ARG B 398 -1.47 -11.64 1.83
N LYS B 399 -2.54 -11.71 2.62
CA LYS B 399 -3.53 -10.64 2.62
C LYS B 399 -2.93 -9.30 3.06
N VAL B 400 -2.10 -9.32 4.10
CA VAL B 400 -1.42 -8.09 4.52
C VAL B 400 -0.52 -7.57 3.39
N ALA B 401 0.22 -8.45 2.74
CA ALA B 401 1.14 -8.03 1.68
C ALA B 401 0.41 -7.59 0.41
N GLU B 402 -0.83 -8.03 0.21
CA GLU B 402 -1.59 -7.47 -0.90
C GLU B 402 -1.86 -6.00 -0.67
N ILE B 403 -2.11 -5.64 0.59
CA ILE B 403 -2.37 -4.24 0.92
C ILE B 403 -1.08 -3.42 0.83
N THR B 404 0.01 -3.91 1.41
CA THR B 404 1.27 -3.16 1.29
C THR B 404 1.72 -3.07 -0.16
N GLY B 405 1.42 -4.09 -0.97
CA GLY B 405 1.75 -4.01 -2.39
C GLY B 405 0.95 -2.96 -3.12
N GLU B 406 -0.33 -2.82 -2.77
N GLU B 406 -0.33 -2.83 -2.79
CA GLU B 406 -1.16 -1.77 -3.37
CA GLU B 406 -1.12 -1.77 -3.40
C GLU B 406 -0.66 -0.38 -2.99
C GLU B 406 -0.57 -0.40 -3.02
N ILE B 407 -0.26 -0.22 -1.74
CA ILE B 407 0.35 1.05 -1.29
C ILE B 407 1.58 1.36 -2.14
N GLN B 408 2.49 0.38 -2.27
CA GLN B 408 3.74 0.61 -2.98
C GLN B 408 3.50 0.93 -4.45
N GLN B 409 2.48 0.31 -5.06
CA GLN B 409 2.23 0.56 -6.48
C GLN B 409 1.94 2.04 -6.74
N TYR B 410 1.21 2.70 -5.83
CA TYR B 410 0.93 4.13 -6.01
C TYR B 410 2.06 5.02 -5.52
N GLN B 411 3.12 4.47 -4.92
CA GLN B 411 4.26 5.28 -4.51
C GLN B 411 5.28 5.47 -5.63
N ASN B 412 5.08 4.86 -6.78
CA ASN B 412 6.11 4.87 -7.82
C ASN B 412 6.09 6.12 -8.68
N GLN B 413 4.90 6.65 -8.97
CA GLN B 413 4.73 7.67 -10.02
C GLN B 413 4.93 9.07 -9.45
N PRO B 414 5.87 9.87 -9.96
CA PRO B 414 6.08 11.22 -9.45
C PRO B 414 5.22 12.25 -10.16
N TYR B 415 4.91 13.34 -9.44
CA TYR B 415 4.15 14.43 -10.04
C TYR B 415 5.05 15.33 -10.86
N CYS B 416 4.56 15.73 -12.04
CA CYS B 416 5.27 16.69 -12.88
C CYS B 416 4.82 18.10 -12.53
N LEU B 417 5.25 18.54 -11.33
CA LEU B 417 4.94 19.87 -10.80
C LEU B 417 6.20 20.44 -10.19
N ARG B 418 6.42 21.74 -10.36
CA ARG B 418 7.61 22.40 -9.84
C ARG B 418 7.40 22.82 -8.40
N VAL B 419 8.40 22.54 -7.55
CA VAL B 419 8.36 22.98 -6.17
C VAL B 419 8.58 24.48 -6.11
N GLU B 420 7.81 25.15 -5.25
CA GLU B 420 8.06 26.55 -4.88
C GLU B 420 8.51 26.51 -3.41
N SER B 421 9.79 26.78 -3.19
N SER B 421 9.79 26.75 -3.18
CA SER B 421 10.39 26.50 -1.87
CA SER B 421 10.36 26.46 -1.85
C SER B 421 9.73 27.31 -0.76
C SER B 421 9.73 27.31 -0.76
N ASP B 422 9.34 28.56 -1.05
CA ASP B 422 8.73 29.39 -0.02
C ASP B 422 7.30 28.94 0.30
N ILE B 423 6.51 28.60 -0.72
CA ILE B 423 5.17 28.08 -0.46
C ILE B 423 5.27 26.73 0.26
N LYS B 424 6.24 25.90 -0.14
N LYS B 424 6.23 25.90 -0.15
CA LYS B 424 6.43 24.62 0.53
CA LYS B 424 6.46 24.63 0.52
C LYS B 424 6.74 24.83 2.01
C LYS B 424 6.74 24.84 2.01
N ARG B 425 7.63 25.77 2.32
CA ARG B 425 7.99 26.03 3.71
C ARG B 425 6.80 26.55 4.50
N PHE B 426 5.99 27.41 3.87
CA PHE B 426 4.80 27.93 4.52
C PHE B 426 3.88 26.79 4.98
N PHE B 427 3.64 25.81 4.10
CA PHE B 427 2.73 24.73 4.51
C PHE B 427 3.41 23.72 5.42
N GLU B 428 4.73 23.56 5.30
CA GLU B 428 5.44 22.68 6.25
C GLU B 428 5.38 23.24 7.66
N ASN B 429 5.38 24.55 7.82
CA ASN B 429 5.43 25.18 9.13
C ASN B 429 4.06 25.57 9.68
N LEU B 430 2.99 25.29 8.93
CA LEU B 430 1.63 25.55 9.40
C LEU B 430 1.39 24.88 10.74
N ASN B 431 0.85 25.64 11.70
CA ASN B 431 0.65 25.15 13.07
C ASN B 431 -0.60 25.78 13.66
N PRO B 432 -1.78 25.40 13.16
CA PRO B 432 -3.00 26.10 13.60
C PRO B 432 -3.27 26.01 15.08
N MET B 433 -2.85 24.93 15.75
N MET B 433 -2.85 24.93 15.75
CA MET B 433 -3.13 24.77 17.17
CA MET B 433 -3.13 24.77 17.17
C MET B 433 -2.20 25.61 18.05
C MET B 433 -2.19 25.60 18.04
N GLY B 434 -1.06 26.07 17.51
CA GLY B 434 -0.14 26.82 18.35
C GLY B 434 0.37 25.95 19.49
N ASN B 435 0.41 26.53 20.70
CA ASN B 435 0.79 25.76 21.89
C ASN B 435 -0.40 25.11 22.60
N SER B 436 -1.60 25.19 22.03
CA SER B 436 -2.79 24.66 22.68
C SER B 436 -2.87 23.15 22.53
N MET B 437 -3.44 22.51 23.55
CA MET B 437 -3.77 21.09 23.45
C MET B 437 -5.01 20.89 22.59
N GLU B 438 -5.22 19.65 22.15
CA GLU B 438 -6.26 19.38 21.15
C GLU B 438 -7.65 19.74 21.65
N LYS B 439 -8.00 19.33 22.87
CA LYS B 439 -9.35 19.61 23.37
C LYS B 439 -9.58 21.11 23.49
N GLU B 440 -8.61 21.82 24.09
CA GLU B 440 -8.70 23.27 24.22
C GLU B 440 -8.88 23.92 22.85
N PHE B 441 -8.15 23.45 21.83
CA PHE B 441 -8.24 24.08 20.52
C PHE B 441 -9.56 23.77 19.82
N THR B 442 -10.01 22.52 19.88
CA THR B 442 -11.24 22.21 19.16
C THR B 442 -12.46 22.77 19.89
N ASP B 443 -12.39 22.93 21.21
CA ASP B 443 -13.43 23.67 21.91
C ASP B 443 -13.42 25.14 21.48
N TYR B 444 -12.25 25.73 21.32
CA TYR B 444 -12.15 27.11 20.82
C TYR B 444 -12.82 27.25 19.47
N LEU B 445 -12.54 26.32 18.54
CA LEU B 445 -13.15 26.39 17.21
C LEU B 445 -14.67 26.31 17.30
N PHE B 446 -15.19 25.44 18.16
CA PHE B 446 -16.64 25.31 18.25
C PHE B 446 -17.26 26.55 18.88
N ASN B 447 -16.60 27.12 19.89
CA ASN B 447 -17.14 28.35 20.49
C ASN B 447 -17.09 29.52 19.51
N LYS B 448 -16.06 29.57 18.63
N LYS B 448 -16.08 29.54 18.62
CA LYS B 448 -16.05 30.58 17.59
CA LYS B 448 -16.04 30.57 17.59
C LYS B 448 -17.24 30.40 16.65
C LYS B 448 -17.18 30.41 16.59
N SER B 449 -17.51 29.15 16.24
CA SER B 449 -18.66 28.87 15.40
C SER B 449 -19.95 29.37 16.04
N LEU B 450 -20.12 29.13 17.34
CA LEU B 450 -21.31 29.60 18.04
C LEU B 450 -21.35 31.13 18.10
N GLU B 451 -20.20 31.77 18.20
CA GLU B 451 -20.16 33.23 18.22
C GLU B 451 -20.63 33.83 16.90
N ILE B 452 -20.11 33.31 15.78
CA ILE B 452 -20.37 33.94 14.49
C ILE B 452 -21.74 33.56 13.91
N GLU B 453 -22.29 32.39 14.28
CA GLU B 453 -23.64 32.01 13.87
C GLU B 453 -24.30 31.35 15.06
N PRO B 454 -24.90 32.13 15.95
CA PRO B 454 -25.48 31.57 17.18
C PRO B 454 -26.64 30.61 16.90
N ARG B 455 -26.86 29.70 17.85
N ARG B 455 -26.86 29.68 17.84
CA ARG B 455 -27.99 28.78 17.77
CA ARG B 455 -27.98 28.76 17.76
C ARG B 455 -29.30 29.55 17.74
C ARG B 455 -29.30 29.53 17.76
N ASN B 456 -30.23 29.10 16.90
CA ASN B 456 -31.57 29.65 16.93
C ASN B 456 -32.18 29.43 18.32
N PRO B 457 -32.97 30.38 18.84
CA PRO B 457 -33.47 31.58 18.16
C PRO B 457 -32.65 32.85 18.39
N LYS B 458 -31.40 32.72 18.82
CA LYS B 458 -30.58 33.91 19.00
C LYS B 458 -30.38 34.60 17.65
N PRO B 459 -30.41 35.93 17.60
CA PRO B 459 -30.25 36.62 16.31
C PRO B 459 -28.83 36.53 15.79
N LEU B 460 -28.73 36.64 14.48
CA LEU B 460 -27.43 36.60 13.82
C LEU B 460 -26.76 37.97 13.93
N PRO B 461 -25.61 38.08 14.58
CA PRO B 461 -24.92 39.37 14.66
C PRO B 461 -24.22 39.71 13.35
N ARG B 462 -23.73 40.94 13.30
CA ARG B 462 -22.89 41.44 12.21
C ARG B 462 -21.48 41.62 12.74
N PHE B 463 -20.50 41.44 11.87
CA PHE B 463 -19.10 41.55 12.26
C PHE B 463 -18.34 42.37 11.22
N PRO B 464 -17.31 43.10 11.65
CA PRO B 464 -16.53 43.89 10.70
C PRO B 464 -15.63 43.01 9.83
N LYS B 465 -15.29 43.55 8.65
CA LYS B 465 -14.34 42.90 7.75
C LYS B 465 -12.95 42.86 8.39
N LYS B 466 -12.18 41.81 8.04
CA LYS B 466 -10.82 41.68 8.50
C LYS B 466 -9.79 41.72 7.38
N TYR B 467 -10.19 41.52 6.13
CA TYR B 467 -9.25 41.45 5.02
C TYR B 467 -9.25 42.78 4.27
N SER B 468 -8.05 43.33 4.03
CA SER B 468 -7.94 44.61 3.34
C SER B 468 -7.70 44.48 1.84
N TYR B 469 -7.54 43.27 1.34
CA TYR B 469 -7.25 42.99 -0.05
C TYR B 469 -8.49 42.41 -0.75
N PRO B 470 -8.49 42.35 -2.08
CA PRO B 470 -9.68 41.86 -2.79
C PRO B 470 -9.96 40.41 -2.46
N LEU B 471 -11.25 40.09 -2.31
CA LEU B 471 -11.69 38.73 -2.02
C LEU B 471 -11.98 37.92 -3.29
N LYS B 472 -12.05 38.57 -4.44
CA LYS B 472 -12.39 37.85 -5.66
C LYS B 472 -11.33 36.82 -6.01
N SER B 473 -11.79 35.59 -6.27
CA SER B 473 -10.85 34.53 -6.60
C SER B 473 -10.32 34.71 -8.03
N PRO B 474 -9.05 34.37 -8.28
CA PRO B 474 -8.58 34.31 -9.67
C PRO B 474 -9.07 33.06 -10.41
N GLY B 475 -9.75 32.14 -9.71
CA GLY B 475 -10.23 30.92 -10.34
C GLY B 475 -9.16 29.85 -10.36
N VAL B 476 -9.54 28.67 -10.89
CA VAL B 476 -8.67 27.51 -10.85
C VAL B 476 -8.38 26.96 -12.25
N ARG B 477 -8.63 27.75 -13.29
CA ARG B 477 -8.11 27.32 -14.57
C ARG B 477 -6.73 27.94 -14.81
N PRO B 478 -5.75 27.16 -15.23
CA PRO B 478 -4.38 27.68 -15.30
C PRO B 478 -4.17 28.61 -16.48
N SER B 479 -3.16 29.49 -16.32
CA SER B 479 -2.78 30.46 -17.33
C SER B 479 -1.45 30.04 -17.95
N ASN B 480 -1.18 30.55 -19.15
CA ASN B 480 0.03 30.13 -19.87
C ASN B 480 0.52 31.26 -20.75
N PRO B 481 1.42 32.11 -20.25
CA PRO B 481 2.12 33.05 -21.13
C PRO B 481 3.17 32.32 -21.97
N ARG B 482 3.69 33.02 -22.97
CA ARG B 482 4.74 32.44 -23.80
C ARG B 482 6.00 32.29 -22.95
N GLY C 1 -38.28 -2.52 2.98
CA GLY C 1 -38.42 -3.66 3.86
C GLY C 1 -37.90 -3.43 5.26
N MET C 2 -36.80 -4.11 5.60
CA MET C 2 -36.34 -4.12 6.97
C MET C 2 -35.53 -2.88 7.31
N THR C 3 -35.61 -2.48 8.58
CA THR C 3 -34.88 -1.33 9.08
C THR C 3 -33.38 -1.61 9.06
N GLU C 4 -32.61 -0.60 8.65
CA GLU C 4 -31.17 -0.63 8.72
C GLU C 4 -30.71 0.34 9.82
N TYR C 5 -29.82 -0.12 10.68
CA TYR C 5 -29.26 0.71 11.73
C TYR C 5 -27.79 1.00 11.43
N LYS C 6 -27.43 2.28 11.45
CA LYS C 6 -26.04 2.69 11.21
C LYS C 6 -25.36 2.88 12.57
N LEU C 7 -24.50 1.92 12.92
CA LEU C 7 -23.81 1.91 14.20
C LEU C 7 -22.36 2.30 13.99
N VAL C 8 -21.80 3.02 14.97
CA VAL C 8 -20.42 3.52 14.90
C VAL C 8 -19.69 3.11 16.17
N VAL C 9 -18.53 2.46 15.99
CA VAL C 9 -17.65 2.07 17.08
C VAL C 9 -16.59 3.15 17.27
N VAL C 10 -16.44 3.63 18.51
CA VAL C 10 -15.43 4.63 18.81
C VAL C 10 -14.63 4.20 20.04
N GLY C 11 -13.41 4.67 20.15
CA GLY C 11 -12.61 4.39 21.34
C GLY C 11 -11.13 4.39 21.03
N ALA C 12 -10.33 4.30 22.09
CA ALA C 12 -8.88 4.41 21.95
C ALA C 12 -8.32 3.30 21.07
N GLY C 13 -7.23 3.62 20.37
CA GLY C 13 -6.55 2.63 19.56
C GLY C 13 -5.57 1.77 20.35
N GLY C 14 -5.07 0.73 19.66
CA GLY C 14 -3.99 -0.08 20.18
C GLY C 14 -4.36 -1.04 21.28
N VAL C 15 -5.65 -1.19 21.59
CA VAL C 15 -6.06 -2.02 22.72
C VAL C 15 -7.20 -2.97 22.35
N GLY C 16 -7.20 -3.44 21.10
CA GLY C 16 -8.09 -4.53 20.71
C GLY C 16 -9.52 -4.16 20.40
N LYS C 17 -9.82 -2.87 20.21
CA LYS C 17 -11.17 -2.42 19.88
C LYS C 17 -11.79 -3.17 18.71
N SER C 18 -10.98 -3.48 17.69
CA SER C 18 -11.51 -4.07 16.45
C SER C 18 -12.08 -5.47 16.64
N ALA C 19 -11.74 -6.15 17.74
CA ALA C 19 -12.21 -7.53 17.92
C ALA C 19 -13.71 -7.58 18.12
N LEU C 20 -14.30 -6.49 18.62
N LEU C 20 -14.32 -6.49 18.59
CA LEU C 20 -15.74 -6.44 18.85
CA LEU C 20 -15.75 -6.48 18.85
C LEU C 20 -16.52 -6.72 17.56
C LEU C 20 -16.55 -6.70 17.57
N THR C 21 -16.29 -5.89 16.55
CA THR C 21 -17.05 -6.01 15.31
C THR C 21 -16.63 -7.24 14.51
N ILE C 22 -15.33 -7.56 14.53
CA ILE C 22 -14.85 -8.76 13.84
C ILE C 22 -15.56 -9.98 14.39
N GLN C 23 -15.67 -10.10 15.71
CA GLN C 23 -16.29 -11.29 16.29
C GLN C 23 -17.78 -11.34 16.00
N LEU C 24 -18.44 -10.19 15.94
CA LEU C 24 -19.85 -10.15 15.60
C LEU C 24 -20.08 -10.63 14.17
N ILE C 25 -19.49 -9.89 13.22
CA ILE C 25 -19.72 -10.09 11.79
C ILE C 25 -19.12 -11.39 11.30
N GLN C 26 -18.10 -11.89 11.99
CA GLN C 26 -17.41 -13.10 11.58
C GLN C 26 -18.39 -14.22 11.31
N ASN C 27 -18.02 -15.08 10.38
CA ASN C 27 -18.34 -16.48 10.56
C ASN C 27 -18.08 -16.72 12.04
N HIS C 28 -19.12 -16.69 12.87
CA HIS C 28 -18.94 -16.85 14.31
C HIS C 28 -18.00 -18.00 14.60
N PHE C 29 -18.13 -19.09 13.84
CA PHE C 29 -17.48 -20.36 14.16
C PHE C 29 -16.26 -20.69 13.31
N VAL C 30 -15.82 -19.79 12.43
CA VAL C 30 -14.52 -19.97 11.79
C VAL C 30 -13.75 -18.67 11.97
N ASP C 31 -12.59 -18.77 12.62
CA ASP C 31 -11.79 -17.62 13.00
C ASP C 31 -11.03 -17.13 11.77
N GLU C 32 -11.66 -16.25 11.01
CA GLU C 32 -11.17 -15.81 9.70
C GLU C 32 -11.82 -14.47 9.37
N TYR C 33 -11.19 -13.71 8.46
CA TYR C 33 -11.70 -12.38 8.14
C TYR C 33 -10.98 -11.81 6.91
N ASP C 34 -11.76 -11.25 5.99
CA ASP C 34 -11.22 -10.34 4.97
C ASP C 34 -11.98 -9.03 5.08
N PRO C 35 -11.39 -7.97 5.64
CA PRO C 35 -12.14 -6.72 5.81
C PRO C 35 -12.33 -5.97 4.52
N THR C 36 -11.55 -6.29 3.47
CA THR C 36 -11.71 -5.62 2.20
C THR C 36 -12.97 -6.04 1.48
N ILE C 37 -13.64 -7.08 1.97
CA ILE C 37 -14.76 -7.67 1.25
C ILE C 37 -16.00 -6.82 1.49
N GLU C 38 -16.48 -6.20 0.40
CA GLU C 38 -17.80 -5.61 0.30
C GLU C 38 -18.76 -6.25 1.29
N ASP C 39 -19.18 -5.49 2.29
CA ASP C 39 -20.14 -5.93 3.28
C ASP C 39 -19.53 -7.01 4.19
N SER C 40 -18.30 -6.76 4.64
N SER C 40 -18.31 -6.76 4.64
CA SER C 40 -17.72 -7.39 5.82
CA SER C 40 -17.78 -7.42 5.83
C SER C 40 -18.13 -6.64 7.10
C SER C 40 -18.12 -6.65 7.08
N TYR C 41 -19.07 -5.71 6.98
CA TYR C 41 -19.49 -4.84 8.07
C TYR C 41 -21.00 -4.65 8.02
N ARG C 42 -21.70 -5.52 7.30
CA ARG C 42 -23.16 -5.56 7.26
C ARG C 42 -23.62 -6.94 7.70
N LYS C 43 -24.64 -6.98 8.56
CA LYS C 43 -25.10 -8.25 9.09
C LYS C 43 -26.59 -8.16 9.36
N GLN C 44 -27.34 -9.12 8.83
CA GLN C 44 -28.76 -9.24 9.10
C GLN C 44 -28.96 -10.06 10.37
N VAL C 45 -29.74 -9.54 11.31
CA VAL C 45 -29.93 -10.16 12.62
C VAL C 45 -31.39 -10.05 13.01
N VAL C 46 -31.78 -10.88 13.98
CA VAL C 46 -33.12 -10.86 14.57
C VAL C 46 -32.98 -10.47 16.03
N ILE C 47 -33.57 -9.33 16.39
CA ILE C 47 -33.48 -8.77 17.74
C ILE C 47 -34.91 -8.63 18.26
N ASP C 48 -35.22 -9.37 19.33
CA ASP C 48 -36.56 -9.38 19.91
C ASP C 48 -37.62 -9.70 18.87
N GLY C 49 -37.31 -10.67 18.00
CA GLY C 49 -38.24 -11.14 16.99
C GLY C 49 -38.35 -10.26 15.76
N GLU C 50 -37.60 -9.17 15.68
CA GLU C 50 -37.70 -8.24 14.56
C GLU C 50 -36.39 -8.27 13.77
N THR C 51 -36.49 -8.65 12.50
CA THR C 51 -35.32 -8.71 11.64
C THR C 51 -34.88 -7.31 11.23
N CYS C 52 -33.57 -7.08 11.28
CA CYS C 52 -33.01 -5.81 10.84
C CYS C 52 -31.61 -6.03 10.30
N LEU C 53 -31.07 -4.98 9.69
CA LEU C 53 -29.75 -4.99 9.09
C LEU C 53 -28.85 -4.04 9.86
N LEU C 54 -27.72 -4.54 10.35
CA LEU C 54 -26.72 -3.71 11.02
C LEU C 54 -25.64 -3.31 10.03
N ASP C 55 -25.40 -2.01 9.93
CA ASP C 55 -24.26 -1.48 9.19
C ASP C 55 -23.32 -0.89 10.22
N ILE C 56 -22.13 -1.47 10.37
CA ILE C 56 -21.22 -1.09 11.44
C ILE C 56 -20.01 -0.38 10.85
N LEU C 57 -19.75 0.83 11.32
CA LEU C 57 -18.54 1.57 10.96
C LEU C 57 -17.54 1.45 12.09
N ASP C 58 -16.40 0.82 11.82
CA ASP C 58 -15.32 0.70 12.80
C ASP C 58 -14.05 1.12 12.06
N THR C 59 -13.56 2.34 12.32
CA THR C 59 -12.38 2.86 11.67
C THR C 59 -11.11 2.57 12.47
N ALA C 60 -11.11 1.50 13.26
CA ALA C 60 -9.94 1.08 14.01
C ALA C 60 -8.68 1.18 13.16
N GLY C 61 -7.63 1.76 13.73
CA GLY C 61 -6.39 2.01 13.03
C GLY C 61 -6.23 3.44 12.54
N GLN C 62 -7.33 4.19 12.44
CA GLN C 62 -7.30 5.57 11.97
C GLN C 62 -7.37 6.59 13.11
N GLU C 63 -7.04 6.15 14.34
CA GLU C 63 -7.24 7.05 15.49
C GLU C 63 -6.41 8.32 15.39
N GLU C 64 -5.25 8.28 14.71
CA GLU C 64 -4.43 9.48 14.62
C GLU C 64 -5.03 10.53 13.68
N TYR C 65 -5.97 10.14 12.80
CA TYR C 65 -6.70 11.11 11.98
C TYR C 65 -7.81 11.75 12.84
N SER C 66 -7.37 12.52 13.84
CA SER C 66 -8.31 12.98 14.86
C SER C 66 -9.28 14.02 14.31
N ALA C 67 -8.93 14.72 13.25
CA ALA C 67 -9.85 15.70 12.70
C ALA C 67 -10.91 15.08 11.79
N MET C 68 -10.85 13.75 11.57
CA MET C 68 -11.88 13.03 10.84
C MET C 68 -12.95 12.43 11.74
N ARG C 69 -12.79 12.50 13.06
CA ARG C 69 -13.78 11.86 13.94
C ARG C 69 -15.17 12.41 13.72
N ASP C 70 -15.29 13.74 13.60
CA ASP C 70 -16.61 14.33 13.40
C ASP C 70 -17.30 13.74 12.18
N GLN C 71 -16.57 13.68 11.07
CA GLN C 71 -17.11 13.14 9.82
C GLN C 71 -17.60 11.72 10.00
N TYR C 72 -16.77 10.85 10.57
CA TYR C 72 -17.17 9.46 10.77
C TYR C 72 -18.37 9.36 11.72
N MET C 73 -18.35 10.12 12.82
CA MET C 73 -19.42 10.03 13.82
C MET C 73 -20.74 10.52 13.25
N ARG C 74 -20.68 11.53 12.39
CA ARG C 74 -21.90 12.10 11.82
C ARG C 74 -22.74 11.04 11.12
N THR C 75 -22.10 9.98 10.60
CA THR C 75 -22.82 8.95 9.86
C THR C 75 -23.69 8.06 10.74
N GLY C 76 -23.55 8.09 12.06
CA GLY C 76 -24.12 7.08 12.92
C GLY C 76 -25.41 7.49 13.61
N GLU C 77 -26.28 6.49 13.84
CA GLU C 77 -27.46 6.66 14.68
C GLU C 77 -27.24 6.20 16.11
N GLY C 78 -26.33 5.25 16.33
CA GLY C 78 -26.05 4.76 17.66
C GLY C 78 -24.57 4.46 17.74
N PHE C 79 -24.02 4.50 18.95
CA PHE C 79 -22.57 4.47 19.16
C PHE C 79 -22.20 3.45 20.22
N LEU C 80 -21.16 2.67 19.95
CA LEU C 80 -20.52 1.83 20.96
C LEU C 80 -19.23 2.55 21.36
N CYS C 81 -19.17 2.99 22.61
CA CYS C 81 -17.98 3.64 23.14
C CYS C 81 -17.16 2.61 23.89
N VAL C 82 -15.99 2.25 23.35
CA VAL C 82 -15.24 1.06 23.78
C VAL C 82 -13.96 1.49 24.48
N PHE C 83 -13.69 0.87 25.64
CA PHE C 83 -12.39 1.00 26.30
C PHE C 83 -11.90 -0.41 26.65
N ALA C 84 -10.61 -0.52 26.95
CA ALA C 84 -10.02 -1.78 27.34
C ALA C 84 -9.93 -1.85 28.86
N ILE C 85 -10.35 -2.97 29.45
CA ILE C 85 -10.39 -3.04 30.91
C ILE C 85 -9.01 -3.09 31.55
N ASN C 86 -7.94 -3.26 30.75
CA ASN C 86 -6.59 -3.18 31.30
C ASN C 86 -5.86 -1.90 30.87
N ASN C 87 -6.59 -0.87 30.43
CA ASN C 87 -5.97 0.38 30.01
C ASN C 87 -6.80 1.53 30.58
N THR C 88 -6.34 2.09 31.70
N THR C 88 -6.35 2.08 31.70
CA THR C 88 -7.10 3.13 32.38
CA THR C 88 -7.13 3.12 32.37
C THR C 88 -7.24 4.38 31.51
C THR C 88 -7.24 4.38 31.52
N LYS C 89 -6.21 4.71 30.73
CA LYS C 89 -6.31 5.89 29.87
C LYS C 89 -7.47 5.75 28.89
N SER C 90 -7.66 4.57 28.28
CA SER C 90 -8.77 4.39 27.35
C SER C 90 -10.11 4.59 28.05
N PHE C 91 -10.18 4.25 29.34
CA PHE C 91 -11.40 4.48 30.12
C PHE C 91 -11.59 5.96 30.38
N GLU C 92 -10.50 6.66 30.70
CA GLU C 92 -10.59 8.10 30.94
C GLU C 92 -10.94 8.86 29.68
N ASP C 93 -10.61 8.31 28.50
CA ASP C 93 -10.96 8.95 27.23
C ASP C 93 -12.46 8.97 26.97
N ILE C 94 -13.24 8.12 27.64
CA ILE C 94 -14.64 7.92 27.27
C ILE C 94 -15.41 9.24 27.36
N HIS C 95 -15.18 10.00 28.42
CA HIS C 95 -15.93 11.25 28.62
C HIS C 95 -15.84 12.14 27.39
N GLN C 96 -14.64 12.32 26.84
CA GLN C 96 -14.48 13.19 25.69
C GLN C 96 -15.10 12.61 24.42
N TYR C 97 -15.05 11.28 24.25
CA TYR C 97 -15.77 10.69 23.12
C TYR C 97 -17.25 10.99 23.20
N ARG C 98 -17.85 10.83 24.38
CA ARG C 98 -19.28 11.06 24.52
C ARG C 98 -19.62 12.52 24.27
N GLU C 99 -18.80 13.43 24.78
CA GLU C 99 -19.04 14.86 24.53
C GLU C 99 -18.95 15.18 23.05
N GLN C 100 -18.03 14.54 22.34
CA GLN C 100 -17.87 14.81 20.92
C GLN C 100 -19.06 14.27 20.12
N ILE C 101 -19.57 13.10 20.50
CA ILE C 101 -20.76 12.54 19.86
C ILE C 101 -21.96 13.47 20.06
N LYS C 102 -22.16 13.94 21.29
CA LYS C 102 -23.28 14.84 21.57
C LYS C 102 -23.19 16.10 20.72
N ARG C 103 -21.97 16.60 20.51
CA ARG C 103 -21.78 17.81 19.73
C ARG C 103 -22.07 17.57 18.24
N VAL C 104 -21.55 16.46 17.68
N VAL C 104 -21.54 16.47 17.69
CA VAL C 104 -21.76 16.25 16.24
CA VAL C 104 -21.72 16.17 16.27
C VAL C 104 -23.21 15.88 15.94
C VAL C 104 -23.19 15.91 15.96
N LYS C 105 -23.89 15.21 16.87
CA LYS C 105 -25.30 14.89 16.66
C LYS C 105 -26.23 16.01 17.12
N ASP C 106 -25.68 17.05 17.76
CA ASP C 106 -26.46 18.18 18.28
C ASP C 106 -27.62 17.69 19.15
N SER C 107 -27.30 16.76 20.06
CA SER C 107 -28.30 16.19 20.93
C SER C 107 -27.67 15.78 22.25
N ASP C 108 -28.41 15.95 23.34
CA ASP C 108 -27.96 15.49 24.64
C ASP C 108 -28.32 14.04 24.92
N ASP C 109 -29.09 13.42 24.02
CA ASP C 109 -29.63 12.08 24.22
C ASP C 109 -29.40 11.26 22.96
N VAL C 110 -28.16 10.86 22.72
CA VAL C 110 -27.78 10.06 21.56
C VAL C 110 -27.71 8.60 22.01
N PRO C 111 -28.34 7.67 21.29
CA PRO C 111 -28.25 6.25 21.67
C PRO C 111 -26.80 5.79 21.70
N MET C 112 -26.37 5.27 22.86
CA MET C 112 -25.00 4.81 22.96
C MET C 112 -24.90 3.81 24.10
N VAL C 113 -23.87 2.96 24.02
CA VAL C 113 -23.58 1.99 25.07
C VAL C 113 -22.10 2.10 25.40
N LEU C 114 -21.77 1.84 26.66
CA LEU C 114 -20.40 1.76 27.13
C LEU C 114 -19.96 0.31 27.10
N VAL C 115 -18.82 0.02 26.47
CA VAL C 115 -18.34 -1.35 26.33
C VAL C 115 -16.95 -1.47 26.94
N GLY C 116 -16.78 -2.36 27.91
CA GLY C 116 -15.50 -2.67 28.48
C GLY C 116 -14.99 -3.96 27.86
N ASN C 117 -13.85 -3.89 27.18
CA ASN C 117 -13.35 -4.97 26.35
C ASN C 117 -12.13 -5.61 27.00
N LYS C 118 -12.16 -6.93 27.17
N LYS C 118 -12.16 -6.92 27.18
CA LYS C 118 -11.04 -7.71 27.70
CA LYS C 118 -11.01 -7.65 27.71
C LYS C 118 -10.22 -8.20 26.51
C LYS C 118 -10.23 -8.17 26.51
N CYS C 119 -9.11 -7.52 26.20
CA CYS C 119 -8.37 -7.81 24.98
C CYS C 119 -7.20 -8.75 25.20
N ASP C 120 -6.84 -9.05 26.44
CA ASP C 120 -5.78 -10.01 26.69
C ASP C 120 -5.84 -10.42 28.17
N LEU C 121 -4.82 -11.16 28.61
CA LEU C 121 -4.75 -11.66 29.98
C LEU C 121 -3.96 -10.76 30.90
N ALA C 122 -3.46 -9.63 30.41
CA ALA C 122 -2.86 -8.63 31.28
C ALA C 122 -3.86 -8.19 32.34
N ALA C 123 -3.34 -7.75 33.48
CA ALA C 123 -4.18 -7.54 34.65
C ALA C 123 -5.18 -6.42 34.40
N ARG C 124 -6.42 -6.66 34.84
CA ARG C 124 -7.45 -5.63 34.73
C ARG C 124 -7.10 -4.44 35.61
N THR C 125 -7.29 -3.23 35.09
CA THR C 125 -7.07 -2.02 35.89
C THR C 125 -8.32 -1.18 36.06
N VAL C 126 -9.39 -1.46 35.31
CA VAL C 126 -10.68 -0.79 35.48
C VAL C 126 -11.66 -1.84 36.02
N GLU C 127 -12.11 -1.66 37.26
CA GLU C 127 -13.07 -2.61 37.83
C GLU C 127 -14.46 -2.39 37.26
N SER C 128 -15.23 -3.47 37.23
N SER C 128 -15.26 -3.44 37.26
CA SER C 128 -16.63 -3.44 36.80
CA SER C 128 -16.60 -3.33 36.70
C SER C 128 -17.39 -2.29 37.44
C SER C 128 -17.44 -2.29 37.44
N ARG C 129 -17.24 -2.13 38.75
CA ARG C 129 -18.02 -1.13 39.48
C ARG C 129 -17.70 0.28 38.99
N GLN C 130 -16.43 0.57 38.72
CA GLN C 130 -16.07 1.88 38.16
C GLN C 130 -16.81 2.16 36.87
N ALA C 131 -16.83 1.17 35.97
CA ALA C 131 -17.47 1.36 34.67
C ALA C 131 -18.99 1.43 34.81
N GLN C 132 -19.58 0.60 35.69
CA GLN C 132 -21.02 0.70 35.94
C GLN C 132 -21.39 2.07 36.47
N ASP C 133 -20.59 2.60 37.40
CA ASP C 133 -20.89 3.93 37.93
C ASP C 133 -20.83 4.99 36.85
N LEU C 134 -19.83 4.92 35.96
CA LEU C 134 -19.73 5.88 34.87
C LEU C 134 -20.94 5.77 33.94
N ALA C 135 -21.29 4.56 33.53
CA ALA C 135 -22.45 4.36 32.66
C ALA C 135 -23.71 4.90 33.30
N ARG C 136 -23.90 4.63 34.60
CA ARG C 136 -25.09 5.12 35.29
C ARG C 136 -25.10 6.65 35.32
N SER C 137 -23.93 7.27 35.53
CA SER C 137 -23.89 8.73 35.56
C SER C 137 -24.29 9.34 34.21
N TYR C 138 -24.08 8.59 33.11
CA TYR C 138 -24.49 8.99 31.77
C TYR C 138 -25.89 8.52 31.41
N GLY C 139 -26.47 7.61 32.17
CA GLY C 139 -27.76 7.06 31.79
C GLY C 139 -27.72 6.10 30.62
N ILE C 140 -26.63 5.34 30.48
CA ILE C 140 -26.50 4.41 29.34
C ILE C 140 -26.13 3.03 29.87
N PRO C 141 -26.37 1.98 29.08
CA PRO C 141 -25.99 0.62 29.48
C PRO C 141 -24.48 0.41 29.47
N TYR C 142 -24.06 -0.58 30.25
CA TYR C 142 -22.68 -1.05 30.27
C TYR C 142 -22.65 -2.54 29.93
N ILE C 143 -21.78 -2.92 28.99
CA ILE C 143 -21.61 -4.32 28.60
C ILE C 143 -20.12 -4.62 28.61
N GLU C 144 -19.73 -5.75 29.20
CA GLU C 144 -18.34 -6.20 29.10
C GLU C 144 -18.24 -7.33 28.10
N THR C 145 -17.16 -7.34 27.33
CA THR C 145 -16.96 -8.28 26.24
C THR C 145 -15.56 -8.87 26.32
N SER C 146 -15.42 -10.08 25.79
CA SER C 146 -14.11 -10.69 25.62
C SER C 146 -13.72 -10.63 24.14
N ALA C 147 -12.47 -10.23 23.89
CA ALA C 147 -11.94 -10.17 22.53
C ALA C 147 -11.56 -11.53 21.99
N LYS C 148 -11.67 -12.58 22.79
CA LYS C 148 -11.23 -13.91 22.39
C LYS C 148 -12.32 -14.97 22.38
N THR C 149 -13.32 -14.88 23.25
CA THR C 149 -14.33 -15.93 23.39
C THR C 149 -15.68 -15.57 22.81
N ARG C 150 -15.82 -14.35 22.30
CA ARG C 150 -17.05 -13.76 21.77
C ARG C 150 -18.08 -13.46 22.85
N GLN C 151 -17.77 -13.68 24.13
CA GLN C 151 -18.74 -13.38 25.18
C GLN C 151 -19.05 -11.88 25.20
N GLY C 152 -20.35 -11.57 25.35
CA GLY C 152 -20.80 -10.19 25.44
C GLY C 152 -20.95 -9.47 24.13
N VAL C 153 -20.43 -10.04 23.03
CA VAL C 153 -20.40 -9.30 21.78
C VAL C 153 -21.81 -9.04 21.27
N GLU C 154 -22.62 -10.09 21.18
N GLU C 154 -22.62 -10.10 21.17
CA GLU C 154 -24.00 -9.90 20.71
CA GLU C 154 -24.00 -9.93 20.72
C GLU C 154 -24.77 -8.99 21.65
C GLU C 154 -24.75 -8.98 21.65
N ASP C 155 -24.56 -9.13 22.96
CA ASP C 155 -25.24 -8.27 23.92
C ASP C 155 -24.91 -6.80 23.68
N ALA C 156 -23.65 -6.49 23.39
CA ALA C 156 -23.27 -5.09 23.18
C ALA C 156 -24.05 -4.49 22.01
N PHE C 157 -24.07 -5.19 20.87
CA PHE C 157 -24.73 -4.63 19.69
C PHE C 157 -26.24 -4.65 19.83
N TYR C 158 -26.81 -5.75 20.35
CA TYR C 158 -28.27 -5.82 20.49
C TYR C 158 -28.78 -4.81 21.50
N THR C 159 -28.02 -4.59 22.57
CA THR C 159 -28.42 -3.57 23.55
C THR C 159 -28.46 -2.19 22.90
N LEU C 160 -27.47 -1.88 22.06
CA LEU C 160 -27.48 -0.59 21.37
C LEU C 160 -28.69 -0.46 20.45
N VAL C 161 -29.02 -1.52 19.71
CA VAL C 161 -30.20 -1.45 18.85
C VAL C 161 -31.47 -1.22 19.67
N ARG C 162 -31.55 -1.82 20.85
CA ARG C 162 -32.70 -1.56 21.72
C ARG C 162 -32.71 -0.11 22.19
N GLU C 163 -31.53 0.48 22.43
CA GLU C 163 -31.49 1.89 22.77
C GLU C 163 -32.01 2.77 21.63
N ILE C 164 -31.68 2.41 20.39
CA ILE C 164 -32.19 3.15 19.24
C ILE C 164 -33.71 2.99 19.14
N ARG C 165 -34.19 1.75 19.24
CA ARG C 165 -35.62 1.48 19.09
C ARG C 165 -36.45 2.19 20.16
N GLN C 166 -35.90 2.34 21.35
CA GLN C 166 -36.61 2.95 22.47
C GLN C 166 -36.26 4.41 22.66
N HIS C 167 -35.57 5.03 21.71
CA HIS C 167 -35.18 6.42 21.86
C HIS C 167 -36.39 7.34 21.94
PG GNP D . 20.56 -8.36 -16.98
O1G GNP D . 19.55 -8.21 -15.85
O2G GNP D . 21.85 -8.89 -16.43
O3G GNP D . 19.99 -9.26 -18.09
N3B GNP D . 20.89 -6.80 -17.61
PB GNP D . 19.74 -5.78 -18.19
O1B GNP D . 18.60 -5.64 -17.21
O2B GNP D . 19.27 -6.19 -19.55
O3A GNP D . 20.50 -4.35 -18.34
PA GNP D . 20.50 -3.16 -17.28
O1A GNP D . 19.12 -2.54 -17.24
O2A GNP D . 21.05 -3.64 -16.00
O5' GNP D . 21.49 -2.13 -17.96
C5' GNP D . 22.86 -2.49 -18.22
C4' GNP D . 23.67 -1.22 -18.36
O4' GNP D . 23.24 -0.52 -19.55
C3' GNP D . 23.55 -0.23 -17.20
O3' GNP D . 24.81 0.39 -16.95
C2' GNP D . 22.52 0.78 -17.71
O2' GNP D . 22.68 2.07 -17.15
C1' GNP D . 22.84 0.80 -19.21
N9 GNP D . 21.68 1.14 -20.04
C8 GNP D . 20.46 0.50 -20.05
N7 GNP D . 19.60 1.03 -20.90
C5 GNP D . 20.30 2.09 -21.48
C6 GNP D . 19.92 3.05 -22.49
O6 GNP D . 18.82 3.14 -23.05
N1 GNP D . 20.94 3.93 -22.78
C2 GNP D . 22.18 3.92 -22.21
N2 GNP D . 23.05 4.84 -22.61
N3 GNP D . 22.56 3.03 -21.28
C4 GNP D . 21.58 2.15 -20.96
MG MG E . 18.23 -6.68 -15.45
C FMT F . 14.57 -16.98 -11.36
O1 FMT F . 14.14 -17.15 -10.23
O2 FMT F . 14.32 -17.71 -12.32
N1 FFS G . -23.30 21.15 4.30
N3 FFS G . -24.93 21.61 6.08
C4 FFS G . -21.66 23.31 5.45
C5 FFS G . -23.75 21.81 5.45
C6 FFS G . -24.15 20.25 3.76
C7 FFS G . -22.40 19.85 2.05
C8 FFS G . -21.37 18.92 2.58
C10 FFS G . -19.87 17.32 3.02
C13 FFS G . -26.38 19.05 3.79
C15 FFS G . -27.91 19.58 5.57
C17 FFS G . -25.78 20.68 5.49
N FFS G . -22.91 22.83 5.91
C FFS G . -20.17 25.17 5.49
O FFS G . -20.81 19.22 3.79
C1 FFS G . -19.36 24.63 4.51
C11 FFS G . -20.84 17.77 2.06
C12 FFS G . -25.45 19.96 4.33
C14 FFS G . -27.58 18.85 4.40
C16 FFS G . -27.04 20.47 6.12
C18 FFS G . -21.29 24.56 5.99
C2 FFS G . -19.73 23.39 4.00
C3 FFS G . -20.85 22.72 4.46
C9 FFS G . -19.89 18.22 4.05
N2 FFS G . -23.73 19.59 2.60
CL FFS G . -19.74 26.73 6.12
C FMT H . 12.22 -32.82 -11.59
O1 FMT H . 12.51 -33.55 -10.64
O2 FMT H . 12.02 -31.61 -11.47
C FMT I . 6.35 39.16 -9.37
O1 FMT I . 5.83 38.29 -10.09
O2 FMT I . 5.73 39.89 -8.60
C FMT J . 12.61 -27.95 -4.23
O1 FMT J . 13.28 -27.00 -4.58
O2 FMT J . 12.13 -28.78 -5.05
C FMT K . -9.49 46.07 6.74
O1 FMT K . -10.55 45.74 6.22
O2 FMT K . -9.12 45.73 7.86
C1 GOL L . 7.98 13.90 -7.30
O1 GOL L . 9.31 13.48 -7.48
C2 GOL L . 7.75 13.87 -5.78
O2 GOL L . 8.44 14.90 -5.14
C3 GOL L . 6.22 13.95 -5.56
O3 GOL L . 5.57 13.14 -6.51
C1 GOL M . -3.07 22.17 -11.49
O1 GOL M . -1.82 21.79 -11.95
C2 GOL M . -3.88 22.72 -12.69
O2 GOL M . -3.48 22.16 -13.88
C3 GOL M . -5.33 22.32 -12.35
O3 GOL M . -6.07 23.51 -12.25
C FMT N . -7.63 -1.69 17.65
O1 FMT N . -8.24 -2.67 17.25
O2 FMT N . -7.95 -0.51 17.47
NA NA O . -3.94 0.91 32.91
#